data_3SAL
#
_entry.id   3SAL
#
_cell.length_a   111.513
_cell.length_b   111.513
_cell.length_c   66.465
_cell.angle_alpha   90.00
_cell.angle_beta   90.00
_cell.angle_gamma   90.00
#
_symmetry.space_group_name_H-M   'P 4'
#
loop_
_entity.id
_entity.type
_entity.pdbx_description
1 polymer Neuraminidase
2 branched 2-acetamido-2-deoxy-beta-D-glucopyranose-(1-4)-2-acetamido-2-deoxy-beta-D-glucopyranose
3 branched beta-D-mannopyranose-(1-4)-2-acetamido-2-deoxy-beta-D-glucopyranose-(1-4)-2-acetamido-2-deoxy-beta-D-glucopyranose
4 non-polymer 'CALCIUM ION'
5 non-polymer GLYCEROL
6 water water
#
_entity_poly.entity_id   1
_entity_poly.type   'polypeptide(L)'
_entity_poly.pdbx_seq_one_letter_code
;PEFLNNTEPLCNVSGFAIVSKDNGIRIGSRGHVFVIREPFVACGPTECRTFFLTQGALLNDKHSNNTVKDRSPYRALMSV
PLGSSPNAYQAKFESVAWSATACHDGKKWLAVGISGADDDAYAVIHYGGMPTDVVRSWRKQILRTQESSCVCMNGNCYWV
MTDGPANSQASYKIFKSHEGMVTNEREVSFQGGHIEECSCYPNLGKVECVCRDNWNGMNRPILIFDEDLDYEVGYLCAGI
PTDTPRVQDSSFTGSCTNAVGGSGTNNYGVKGFGFRQGNSVWAGRTVSISSRSGFEILLIEDGWIRTSKTIVKKVEVLNN
KNWSGYSGAFTIPITMTSKQCLVPCFWLEMIRGKPEERTSIWTSSSSTVFCGVSSEVPGWSWDDGAILPFDIDKM
;
_entity_poly.pdbx_strand_id   A,B
#
# COMPACT_ATOMS: atom_id res chain seq x y z
N PRO A 1 -24.46 -7.25 -16.78
CA PRO A 1 -23.17 -7.68 -16.22
C PRO A 1 -22.70 -6.73 -15.12
N GLU A 2 -22.24 -7.30 -14.01
CA GLU A 2 -21.76 -6.50 -12.89
C GLU A 2 -20.40 -6.99 -12.41
N PHE A 3 -19.68 -6.12 -11.70
CA PHE A 3 -18.40 -6.54 -11.13
C PHE A 3 -18.64 -7.53 -10.00
N LEU A 4 -17.76 -8.52 -9.91
CA LEU A 4 -17.83 -9.49 -8.84
C LEU A 4 -17.29 -8.87 -7.54
N ASN A 5 -18.09 -8.94 -6.47
CA ASN A 5 -17.63 -8.44 -5.18
C ASN A 5 -16.35 -9.14 -4.75
N ASN A 6 -16.43 -10.45 -4.59
CA ASN A 6 -15.27 -11.26 -4.22
C ASN A 6 -14.65 -10.82 -2.90
N THR A 7 -15.49 -10.33 -1.98
CA THR A 7 -15.01 -9.84 -0.70
C THR A 7 -15.36 -10.80 0.43
N GLU A 8 -15.93 -11.95 0.06
CA GLU A 8 -16.31 -12.97 1.02
C GLU A 8 -15.08 -13.61 1.67
N PRO A 9 -15.27 -14.25 2.83
CA PRO A 9 -14.17 -15.02 3.42
C PRO A 9 -13.86 -16.24 2.56
N LEU A 10 -12.61 -16.70 2.60
CA LEU A 10 -12.25 -17.95 1.96
C LEU A 10 -12.90 -19.09 2.75
N CYS A 11 -13.42 -20.09 2.03
CA CYS A 11 -14.00 -21.25 2.70
C CYS A 11 -12.97 -22.02 3.51
N ASN A 12 -13.39 -22.54 4.66
CA ASN A 12 -12.61 -23.56 5.34
C ASN A 12 -12.93 -24.90 4.71
N VAL A 13 -11.90 -25.62 4.27
CA VAL A 13 -12.12 -26.90 3.61
C VAL A 13 -11.34 -28.02 4.30
N SER A 14 -11.87 -29.24 4.22
CA SER A 14 -11.25 -30.37 4.89
C SER A 14 -10.61 -31.35 3.91
N GLY A 15 -10.77 -31.09 2.62
CA GLY A 15 -10.18 -31.94 1.61
C GLY A 15 -10.23 -31.29 0.24
N PHE A 16 -9.54 -31.89 -0.72
CA PHE A 16 -9.51 -31.38 -2.08
C PHE A 16 -9.93 -32.46 -3.06
N ALA A 17 -10.91 -32.13 -3.90
CA ALA A 17 -11.45 -33.07 -4.87
C ALA A 17 -10.96 -32.71 -6.27
N ILE A 18 -10.63 -33.73 -7.07
CA ILE A 18 -10.19 -33.48 -8.44
C ILE A 18 -11.33 -32.95 -9.31
N VAL A 19 -11.04 -31.89 -10.05
CA VAL A 19 -12.02 -31.18 -10.86
C VAL A 19 -11.79 -31.43 -12.35
N SER A 20 -10.53 -31.44 -12.77
CA SER A 20 -10.20 -31.65 -14.17
C SER A 20 -8.81 -32.22 -14.38
N LYS A 21 -8.60 -32.77 -15.56
CA LYS A 21 -7.31 -33.28 -15.99
C LYS A 21 -7.29 -33.18 -17.51
N ASP A 22 -6.33 -32.45 -18.07
CA ASP A 22 -6.41 -32.13 -19.49
C ASP A 22 -5.84 -33.21 -20.42
N ASN A 23 -4.97 -34.07 -19.91
CA ASN A 23 -4.41 -35.16 -20.72
C ASN A 23 -3.76 -34.63 -22.00
N GLY A 24 -3.26 -33.40 -21.96
CA GLY A 24 -2.83 -32.73 -23.16
C GLY A 24 -1.71 -33.40 -23.93
N ILE A 25 -0.74 -33.96 -23.19
CA ILE A 25 0.41 -34.57 -23.85
C ILE A 25 0.04 -35.91 -24.48
N ARG A 26 -0.78 -36.69 -23.79
CA ARG A 26 -1.32 -37.92 -24.36
C ARG A 26 -2.06 -37.63 -25.66
N ILE A 27 -2.94 -36.63 -25.62
CA ILE A 27 -3.70 -36.24 -26.80
C ILE A 27 -2.77 -35.75 -27.92
N GLY A 28 -1.76 -34.98 -27.53
CA GLY A 28 -0.81 -34.39 -28.47
C GLY A 28 0.13 -35.36 -29.16
N SER A 29 0.08 -36.62 -28.76
CA SER A 29 0.82 -37.66 -29.46
C SER A 29 0.35 -37.74 -30.92
N ARG A 30 -0.93 -37.42 -31.14
CA ARG A 30 -1.51 -37.46 -32.47
C ARG A 30 -2.28 -36.18 -32.82
N GLY A 31 -2.97 -35.61 -31.83
CA GLY A 31 -3.71 -34.38 -32.04
C GLY A 31 -2.78 -33.18 -32.17
N HIS A 32 -3.36 -32.02 -32.47
CA HIS A 32 -2.58 -30.80 -32.61
C HIS A 32 -2.64 -29.97 -31.34
N VAL A 33 -1.63 -30.16 -30.50
CA VAL A 33 -1.63 -29.64 -29.15
C VAL A 33 -0.33 -28.88 -28.91
N PHE A 34 -0.44 -27.68 -28.34
CA PHE A 34 0.73 -26.87 -28.06
C PHE A 34 1.65 -27.50 -27.03
N VAL A 35 2.95 -27.26 -27.21
CA VAL A 35 3.91 -27.50 -26.16
C VAL A 35 3.79 -26.30 -25.21
N ILE A 36 3.57 -26.57 -23.92
CA ILE A 36 3.25 -25.49 -22.98
C ILE A 36 4.05 -25.54 -21.69
N ARG A 37 3.92 -24.46 -20.92
CA ARG A 37 4.27 -24.44 -19.51
C ARG A 37 3.19 -23.66 -18.77
N GLU A 38 3.20 -23.79 -17.44
CA GLU A 38 2.30 -23.07 -16.53
C GLU A 38 0.82 -23.00 -16.93
N PRO A 39 0.16 -24.16 -16.93
CA PRO A 39 -1.28 -24.26 -17.19
C PRO A 39 -2.10 -23.75 -16.01
N PHE A 40 -2.02 -22.46 -15.73
CA PHE A 40 -2.73 -21.90 -14.58
C PHE A 40 -4.21 -21.70 -14.86
N VAL A 41 -5.00 -21.63 -13.80
CA VAL A 41 -6.45 -21.52 -13.94
C VAL A 41 -6.94 -20.21 -13.35
N ALA A 42 -7.93 -19.60 -14.01
CA ALA A 42 -8.61 -18.43 -13.46
C ALA A 42 -10.09 -18.55 -13.76
N CYS A 43 -10.92 -18.03 -12.86
CA CYS A 43 -12.36 -18.17 -13.01
C CYS A 43 -13.09 -16.84 -13.05
N GLY A 44 -14.05 -16.75 -13.97
CA GLY A 44 -15.00 -15.65 -13.97
C GLY A 44 -16.27 -16.12 -13.29
N PRO A 45 -17.33 -15.31 -13.35
CA PRO A 45 -18.61 -15.63 -12.70
C PRO A 45 -19.20 -16.97 -13.16
N THR A 46 -19.05 -17.30 -14.43
CA THR A 46 -19.73 -18.46 -15.00
C THR A 46 -18.79 -19.43 -15.71
N GLU A 47 -17.49 -19.20 -15.59
CA GLU A 47 -16.53 -19.95 -16.41
C GLU A 47 -15.13 -19.97 -15.82
N CYS A 48 -14.52 -21.15 -15.77
CA CYS A 48 -13.10 -21.26 -15.46
C CYS A 48 -12.33 -21.61 -16.72
N ARG A 49 -11.12 -21.05 -16.86
CA ARG A 49 -10.30 -21.31 -18.03
C ARG A 49 -8.88 -21.68 -17.61
N THR A 50 -8.26 -22.55 -18.39
CA THR A 50 -6.84 -22.84 -18.25
C THR A 50 -6.06 -21.94 -19.18
N PHE A 51 -5.18 -21.13 -18.60
CA PHE A 51 -4.25 -20.30 -19.35
C PHE A 51 -2.94 -21.03 -19.45
N PHE A 52 -2.13 -20.70 -20.45
CA PHE A 52 -0.83 -21.34 -20.60
C PHE A 52 0.09 -20.51 -21.47
N LEU A 53 1.39 -20.71 -21.30
CA LEU A 53 2.38 -20.11 -22.20
C LEU A 53 2.84 -21.15 -23.22
N THR A 54 3.00 -20.71 -24.47
CA THR A 54 3.53 -21.58 -25.50
C THR A 54 4.50 -20.82 -26.41
N GLN A 55 5.43 -21.57 -27.01
CA GLN A 55 6.34 -21.01 -28.00
C GLN A 55 5.70 -20.98 -29.39
N GLY A 56 4.42 -21.36 -29.47
CA GLY A 56 3.76 -21.43 -30.76
C GLY A 56 4.23 -22.64 -31.54
N ALA A 57 4.59 -23.70 -30.82
CA ALA A 57 5.02 -24.94 -31.43
C ALA A 57 4.12 -26.06 -30.94
N LEU A 58 3.87 -27.04 -31.81
CA LEU A 58 3.03 -28.17 -31.47
C LEU A 58 3.83 -29.40 -31.07
N LEU A 59 3.25 -30.22 -30.20
CA LEU A 59 3.83 -31.52 -29.86
C LEU A 59 4.08 -32.35 -31.11
N ASN A 60 5.21 -33.07 -31.12
CA ASN A 60 5.59 -33.93 -32.24
C ASN A 60 5.95 -33.17 -33.52
N ASP A 61 6.17 -31.87 -33.40
CA ASP A 61 6.67 -31.08 -34.51
C ASP A 61 8.09 -30.58 -34.25
N LYS A 62 8.85 -30.38 -35.32
CA LYS A 62 10.24 -29.96 -35.19
C LYS A 62 10.41 -28.64 -34.43
N HIS A 63 9.40 -27.77 -34.48
CA HIS A 63 9.50 -26.48 -33.80
C HIS A 63 9.46 -26.63 -32.27
N SER A 64 9.12 -27.81 -31.79
CA SER A 64 9.12 -28.07 -30.35
C SER A 64 10.53 -28.36 -29.84
N ASN A 65 11.49 -28.50 -30.75
CA ASN A 65 12.88 -28.69 -30.38
C ASN A 65 13.29 -27.59 -29.40
N ASN A 66 13.91 -27.97 -28.28
CA ASN A 66 14.36 -26.99 -27.29
C ASN A 66 15.59 -26.24 -27.74
N THR A 67 15.42 -25.39 -28.75
CA THR A 67 16.54 -24.66 -29.34
C THR A 67 16.32 -23.16 -29.25
N VAL A 68 15.26 -22.76 -28.53
CA VAL A 68 14.93 -21.37 -28.33
C VAL A 68 14.83 -21.08 -26.84
N LYS A 69 15.32 -19.91 -26.41
CA LYS A 69 15.25 -19.54 -25.00
C LYS A 69 13.80 -19.35 -24.58
N ASP A 70 13.55 -19.50 -23.28
CA ASP A 70 12.20 -19.34 -22.74
C ASP A 70 11.62 -17.97 -23.09
N ARG A 71 12.42 -16.93 -22.88
CA ARG A 71 11.96 -15.58 -23.15
C ARG A 71 12.22 -15.22 -24.61
N SER A 72 11.35 -15.74 -25.48
CA SER A 72 11.52 -15.57 -26.91
C SER A 72 10.44 -14.65 -27.45
N PRO A 73 10.62 -14.16 -28.67
CA PRO A 73 9.59 -13.35 -29.32
C PRO A 73 8.39 -14.17 -29.76
N TYR A 74 8.47 -15.50 -29.67
CA TYR A 74 7.36 -16.36 -30.10
C TYR A 74 6.41 -16.69 -28.95
N ARG A 75 6.87 -16.48 -27.72
CA ARG A 75 6.11 -16.90 -26.54
C ARG A 75 4.79 -16.14 -26.43
N ALA A 76 3.70 -16.89 -26.23
CA ALA A 76 2.37 -16.29 -26.14
C ALA A 76 1.55 -16.90 -25.02
N LEU A 77 0.66 -16.09 -24.47
CA LEU A 77 -0.34 -16.55 -23.50
C LEU A 77 -1.62 -16.87 -24.25
N MET A 78 -2.16 -18.07 -24.01
CA MET A 78 -3.44 -18.48 -24.60
C MET A 78 -4.30 -19.11 -23.51
N SER A 79 -5.55 -19.40 -23.83
CA SER A 79 -6.42 -20.09 -22.88
C SER A 79 -7.41 -21.04 -23.58
N VAL A 80 -7.85 -22.04 -22.82
CA VAL A 80 -8.93 -22.93 -23.24
C VAL A 80 -9.86 -23.13 -22.04
N PRO A 81 -11.07 -23.64 -22.29
CA PRO A 81 -11.95 -23.96 -21.16
C PRO A 81 -11.27 -24.95 -20.21
N LEU A 82 -11.56 -24.84 -18.91
CA LEU A 82 -10.94 -25.71 -17.93
C LEU A 82 -11.18 -27.18 -18.26
N GLY A 83 -10.09 -27.95 -18.33
CA GLY A 83 -10.19 -29.37 -18.64
C GLY A 83 -9.87 -29.69 -20.09
N SER A 84 -9.94 -28.69 -20.97
CA SER A 84 -9.58 -28.89 -22.37
C SER A 84 -8.08 -29.01 -22.54
N SER A 85 -7.66 -29.75 -23.56
CA SER A 85 -6.25 -29.80 -23.93
C SER A 85 -5.89 -28.44 -24.52
N PRO A 86 -4.62 -28.04 -24.39
CA PRO A 86 -4.19 -26.74 -24.93
C PRO A 86 -3.94 -26.87 -26.43
N ASN A 87 -5.02 -27.09 -27.18
CA ASN A 87 -4.89 -27.44 -28.58
C ASN A 87 -5.02 -26.26 -29.56
N ALA A 88 -4.65 -26.52 -30.81
CA ALA A 88 -4.50 -25.44 -31.79
C ALA A 88 -5.82 -24.82 -32.23
N TYR A 89 -6.93 -25.51 -31.99
CA TYR A 89 -8.20 -25.09 -32.58
C TYR A 89 -9.25 -24.63 -31.56
N GLN A 90 -9.02 -24.95 -30.29
CA GLN A 90 -9.86 -24.42 -29.22
C GLN A 90 -9.18 -23.25 -28.50
N ALA A 91 -7.87 -23.12 -28.67
CA ALA A 91 -7.12 -22.09 -27.97
C ALA A 91 -7.56 -20.68 -28.35
N LYS A 92 -7.65 -19.82 -27.34
CA LYS A 92 -7.95 -18.41 -27.51
C LYS A 92 -6.69 -17.60 -27.23
N PHE A 93 -6.31 -16.72 -28.16
CA PHE A 93 -5.12 -15.91 -27.96
C PHE A 93 -5.41 -14.82 -26.93
N GLU A 94 -4.51 -14.68 -25.96
CA GLU A 94 -4.69 -13.71 -24.87
C GLU A 94 -3.70 -12.55 -24.92
N SER A 95 -2.40 -12.86 -25.08
CA SER A 95 -1.37 -11.83 -25.05
C SER A 95 -0.05 -12.38 -25.57
N VAL A 96 0.78 -11.52 -26.13
CA VAL A 96 2.17 -11.91 -26.30
C VAL A 96 2.75 -11.97 -24.90
N ALA A 97 3.53 -13.00 -24.56
CA ALA A 97 3.96 -13.17 -23.18
C ALA A 97 4.98 -14.27 -22.96
N TRP A 98 6.07 -13.92 -22.27
CA TRP A 98 6.93 -14.96 -21.69
C TRP A 98 6.80 -15.00 -20.16
N SER A 99 5.92 -14.15 -19.63
CA SER A 99 5.50 -14.19 -18.23
C SER A 99 4.12 -13.57 -18.18
N ALA A 100 3.23 -14.07 -17.32
CA ALA A 100 1.84 -13.63 -17.38
C ALA A 100 1.02 -13.85 -16.12
N THR A 101 -0.10 -13.13 -16.05
CA THR A 101 -1.14 -13.37 -15.07
C THR A 101 -2.46 -13.01 -15.75
N ALA A 102 -3.56 -13.57 -15.27
CA ALA A 102 -4.88 -13.29 -15.83
C ALA A 102 -5.96 -13.54 -14.78
N CYS A 103 -7.08 -12.83 -14.93
CA CYS A 103 -8.21 -12.98 -14.02
C CYS A 103 -9.44 -12.32 -14.64
N HIS A 104 -10.58 -12.42 -13.94
CA HIS A 104 -11.84 -11.91 -14.46
C HIS A 104 -12.51 -11.06 -13.38
N ASP A 105 -12.99 -9.88 -13.75
CA ASP A 105 -13.53 -8.96 -12.75
C ASP A 105 -15.04 -9.03 -12.59
N GLY A 106 -15.67 -9.97 -13.30
CA GLY A 106 -17.11 -10.09 -13.29
C GLY A 106 -17.70 -9.64 -14.60
N LYS A 107 -17.06 -8.68 -15.24
CA LYS A 107 -17.51 -8.19 -16.54
C LYS A 107 -16.65 -8.71 -17.70
N LYS A 108 -15.33 -8.61 -17.55
CA LYS A 108 -14.41 -8.96 -18.63
C LYS A 108 -13.15 -9.68 -18.12
N TRP A 109 -12.49 -10.39 -19.04
CA TRP A 109 -11.19 -10.97 -18.77
C TRP A 109 -10.07 -9.94 -18.79
N LEU A 110 -9.18 -10.03 -17.81
CA LEU A 110 -7.96 -9.23 -17.77
C LEU A 110 -6.78 -10.16 -18.01
N ALA A 111 -5.93 -9.80 -18.96
CA ALA A 111 -4.71 -10.58 -19.20
C ALA A 111 -3.50 -9.66 -19.21
N VAL A 112 -2.49 -10.02 -18.43
CA VAL A 112 -1.26 -9.24 -18.34
C VAL A 112 -0.10 -10.08 -18.86
N GLY A 113 0.50 -9.65 -19.96
CA GLY A 113 1.55 -10.42 -20.60
C GLY A 113 2.81 -9.61 -20.83
N ILE A 114 3.94 -10.16 -20.40
CA ILE A 114 5.22 -9.47 -20.50
C ILE A 114 6.04 -10.00 -21.68
N SER A 115 6.54 -9.09 -22.50
CA SER A 115 7.46 -9.46 -23.57
C SER A 115 8.56 -8.40 -23.71
N GLY A 116 9.39 -8.55 -24.74
CA GLY A 116 10.51 -7.64 -24.92
C GLY A 116 11.82 -8.20 -24.42
N ALA A 117 12.88 -7.41 -24.55
CA ALA A 117 14.23 -7.80 -24.12
C ALA A 117 14.36 -7.86 -22.60
N ASP A 118 15.30 -8.65 -22.11
CA ASP A 118 15.52 -8.80 -20.67
C ASP A 118 15.78 -7.46 -19.98
N ASP A 119 16.49 -6.56 -20.68
CA ASP A 119 16.87 -5.29 -20.07
C ASP A 119 15.88 -4.16 -20.33
N ASP A 120 14.75 -4.47 -20.96
CA ASP A 120 13.73 -3.45 -21.23
C ASP A 120 12.40 -4.08 -21.58
N ALA A 121 11.95 -5.00 -20.73
CA ALA A 121 10.69 -5.68 -20.95
C ALA A 121 9.52 -4.80 -20.56
N TYR A 122 8.33 -5.16 -21.05
CA TYR A 122 7.14 -4.45 -20.63
C TYR A 122 5.91 -5.36 -20.66
N ALA A 123 5.02 -5.11 -19.71
CA ALA A 123 3.75 -5.82 -19.67
C ALA A 123 2.72 -5.07 -20.49
N VAL A 124 1.96 -5.81 -21.27
CA VAL A 124 0.80 -5.24 -21.95
C VAL A 124 -0.44 -5.77 -21.25
N ILE A 125 -1.30 -4.84 -20.84
CA ILE A 125 -2.54 -5.20 -20.17
C ILE A 125 -3.66 -5.26 -21.18
N HIS A 126 -4.33 -6.41 -21.23
CA HIS A 126 -5.44 -6.65 -22.13
C HIS A 126 -6.71 -6.74 -21.31
N TYR A 127 -7.74 -5.99 -21.70
CA TYR A 127 -9.00 -6.01 -20.99
C TYR A 127 -10.14 -6.18 -21.98
N GLY A 128 -10.90 -7.26 -21.82
CA GLY A 128 -11.94 -7.58 -22.78
C GLY A 128 -11.37 -7.79 -24.17
N GLY A 129 -10.11 -8.20 -24.23
CA GLY A 129 -9.46 -8.48 -25.50
C GLY A 129 -8.81 -7.27 -26.15
N MET A 130 -8.93 -6.11 -25.51
CA MET A 130 -8.33 -4.89 -26.05
C MET A 130 -7.13 -4.45 -25.22
N PRO A 131 -6.06 -3.99 -25.90
CA PRO A 131 -4.90 -3.47 -25.17
C PRO A 131 -5.30 -2.16 -24.51
N THR A 132 -5.06 -2.05 -23.20
CA THR A 132 -5.52 -0.87 -22.45
C THR A 132 -4.39 -0.08 -21.79
N ASP A 133 -3.33 -0.75 -21.38
CA ASP A 133 -2.27 -0.08 -20.63
C ASP A 133 -0.97 -0.88 -20.70
N VAL A 134 0.12 -0.28 -20.24
CA VAL A 134 1.41 -0.96 -20.19
C VAL A 134 2.08 -0.70 -18.85
N VAL A 135 2.92 -1.65 -18.43
CA VAL A 135 3.80 -1.44 -17.29
C VAL A 135 5.23 -1.72 -17.73
N ARG A 136 6.09 -0.72 -17.62
CA ARG A 136 7.47 -0.90 -18.02
C ARG A 136 8.34 -1.46 -16.90
N SER A 137 9.38 -2.20 -17.28
CA SER A 137 10.39 -2.65 -16.35
C SER A 137 11.00 -1.44 -15.65
N TRP A 138 11.09 -1.49 -14.31
CA TRP A 138 11.62 -0.38 -13.54
C TRP A 138 13.04 -0.63 -13.03
N ARG A 139 13.49 -1.88 -13.09
CA ARG A 139 14.86 -2.23 -12.73
C ARG A 139 15.65 -2.77 -13.93
N LYS A 140 14.96 -2.91 -15.06
CA LYS A 140 15.59 -3.35 -16.31
C LYS A 140 16.27 -4.71 -16.16
N GLN A 141 15.62 -5.61 -15.44
CA GLN A 141 16.18 -6.93 -15.18
C GLN A 141 15.10 -8.01 -15.14
N ILE A 142 14.58 -8.35 -16.31
CA ILE A 142 13.58 -9.40 -16.47
C ILE A 142 12.33 -9.15 -15.63
N LEU A 143 11.62 -8.09 -15.97
CA LEU A 143 10.30 -7.85 -15.41
C LEU A 143 9.49 -9.15 -15.52
N ARG A 144 8.85 -9.56 -14.43
CA ARG A 144 8.17 -10.85 -14.41
C ARG A 144 7.03 -10.86 -13.40
N THR A 145 6.13 -11.82 -13.54
CA THR A 145 4.94 -11.83 -12.69
C THR A 145 4.52 -13.24 -12.25
N GLN A 146 3.25 -13.41 -11.93
CA GLN A 146 2.81 -14.55 -11.10
C GLN A 146 2.85 -15.93 -11.74
N GLU A 147 2.53 -16.00 -13.03
CA GLU A 147 2.29 -17.28 -13.70
C GLU A 147 1.10 -18.00 -13.05
N SER A 148 0.17 -17.22 -12.50
CA SER A 148 -1.10 -17.75 -12.03
C SER A 148 -2.14 -16.64 -11.99
N SER A 149 -3.35 -16.97 -11.57
N SER A 149 -3.35 -16.97 -11.56
CA SER A 149 -4.46 -16.02 -11.61
CA SER A 149 -4.46 -16.04 -11.54
C SER A 149 -4.23 -14.81 -10.70
C SER A 149 -4.18 -14.80 -10.70
N CYS A 150 -4.58 -13.64 -11.21
CA CYS A 150 -4.58 -12.43 -10.41
C CYS A 150 -5.88 -12.41 -9.61
N VAL A 151 -6.13 -11.33 -8.90
CA VAL A 151 -7.30 -11.27 -8.01
C VAL A 151 -8.10 -10.02 -8.28
N CYS A 152 -9.41 -10.19 -8.49
CA CYS A 152 -10.30 -9.04 -8.67
C CYS A 152 -11.31 -8.96 -7.53
N MET A 153 -11.49 -7.76 -6.99
CA MET A 153 -12.50 -7.51 -5.97
C MET A 153 -13.13 -6.15 -6.23
N ASN A 154 -14.46 -6.10 -6.22
CA ASN A 154 -15.19 -4.84 -6.40
C ASN A 154 -14.78 -4.06 -7.65
N GLY A 155 -14.38 -4.78 -8.69
CA GLY A 155 -14.07 -4.13 -9.96
C GLY A 155 -12.63 -3.70 -10.10
N ASN A 156 -11.82 -3.95 -9.08
CA ASN A 156 -10.39 -3.68 -9.14
C ASN A 156 -9.64 -5.00 -9.19
N CYS A 157 -8.62 -5.07 -10.03
CA CYS A 157 -7.81 -6.29 -10.14
C CYS A 157 -6.37 -6.02 -9.73
N TYR A 158 -5.77 -7.00 -9.04
CA TYR A 158 -4.48 -6.81 -8.41
C TYR A 158 -3.51 -7.93 -8.79
N TRP A 159 -2.23 -7.59 -8.92
CA TRP A 159 -1.21 -8.60 -9.17
C TRP A 159 0.16 -8.15 -8.68
N VAL A 160 1.07 -9.10 -8.57
CA VAL A 160 2.41 -8.86 -8.04
C VAL A 160 3.46 -9.06 -9.12
N MET A 161 4.41 -8.14 -9.21
CA MET A 161 5.51 -8.26 -10.16
C MET A 161 6.88 -8.14 -9.49
N THR A 162 7.88 -8.69 -10.16
CA THR A 162 9.26 -8.65 -9.68
C THR A 162 10.16 -8.15 -10.80
N ASP A 163 11.20 -7.42 -10.44
CA ASP A 163 12.18 -6.94 -11.39
C ASP A 163 13.52 -6.91 -10.66
N GLY A 164 14.53 -7.55 -11.23
CA GLY A 164 15.82 -7.64 -10.58
C GLY A 164 16.41 -9.04 -10.62
N PRO A 165 17.51 -9.25 -9.87
CA PRO A 165 18.23 -10.53 -9.86
C PRO A 165 17.39 -11.73 -9.46
N ALA A 166 17.78 -12.90 -9.97
CA ALA A 166 17.11 -14.15 -9.68
C ALA A 166 17.54 -14.74 -8.35
N ASN A 167 18.79 -14.48 -7.96
CA ASN A 167 19.39 -15.14 -6.79
C ASN A 167 19.98 -14.15 -5.78
N SER A 168 19.44 -12.94 -5.74
CA SER A 168 19.83 -11.96 -4.73
C SER A 168 18.73 -10.91 -4.63
N GLN A 169 18.96 -9.87 -3.82
CA GLN A 169 17.92 -8.88 -3.59
C GLN A 169 17.36 -8.33 -4.90
N ALA A 170 16.04 -8.40 -5.04
CA ALA A 170 15.37 -7.81 -6.19
C ALA A 170 14.33 -6.81 -5.69
N SER A 171 13.49 -6.34 -6.61
CA SER A 171 12.46 -5.35 -6.31
C SER A 171 11.09 -5.94 -6.58
N TYR A 172 10.14 -5.68 -5.69
CA TYR A 172 8.82 -6.31 -5.76
C TYR A 172 7.74 -5.24 -5.68
N LYS A 173 6.77 -5.30 -6.60
CA LYS A 173 5.69 -4.31 -6.63
C LYS A 173 4.32 -4.96 -6.71
N ILE A 174 3.34 -4.29 -6.09
CA ILE A 174 1.95 -4.66 -6.20
C ILE A 174 1.23 -3.66 -7.08
N PHE A 175 0.32 -4.14 -7.92
CA PHE A 175 -0.41 -3.29 -8.85
C PHE A 175 -1.91 -3.41 -8.65
N LYS A 176 -2.59 -2.29 -8.82
CA LYS A 176 -4.04 -2.20 -8.79
C LYS A 176 -4.51 -1.66 -10.13
N SER A 177 -5.58 -2.24 -10.66
CA SER A 177 -6.11 -1.82 -11.96
C SER A 177 -7.63 -1.77 -11.95
N HIS A 178 -8.19 -0.95 -12.83
CA HIS A 178 -9.63 -0.91 -13.06
C HIS A 178 -9.88 -0.87 -14.55
N GLU A 179 -10.63 -1.84 -15.05
CA GLU A 179 -10.91 -1.96 -16.48
C GLU A 179 -9.64 -1.88 -17.32
N GLY A 180 -8.59 -2.53 -16.86
CA GLY A 180 -7.36 -2.64 -17.62
C GLY A 180 -6.42 -1.45 -17.51
N MET A 181 -6.79 -0.47 -16.71
CA MET A 181 -5.92 0.68 -16.47
C MET A 181 -5.26 0.57 -15.10
N VAL A 182 -3.94 0.73 -15.05
CA VAL A 182 -3.26 0.73 -13.76
C VAL A 182 -3.65 1.99 -13.00
N THR A 183 -4.21 1.82 -11.81
CA THR A 183 -4.70 2.95 -11.03
C THR A 183 -3.88 3.21 -9.78
N ASN A 184 -3.03 2.26 -9.42
CA ASN A 184 -2.16 2.41 -8.25
C ASN A 184 -1.06 1.37 -8.29
N GLU A 185 0.06 1.66 -7.64
CA GLU A 185 1.14 0.70 -7.49
C GLU A 185 1.92 1.01 -6.21
N ARG A 186 2.60 0.01 -5.68
CA ARG A 186 3.35 0.17 -4.45
C ARG A 186 4.54 -0.79 -4.45
N GLU A 187 5.72 -0.28 -4.12
CA GLU A 187 6.86 -1.15 -3.92
C GLU A 187 6.82 -1.76 -2.53
N VAL A 188 7.04 -3.08 -2.47
CA VAL A 188 7.03 -3.82 -1.22
C VAL A 188 8.45 -3.88 -0.66
N SER A 189 8.66 -3.32 0.53
CA SER A 189 9.96 -3.36 1.17
C SER A 189 10.19 -4.72 1.84
N PHE A 190 11.22 -5.42 1.41
CA PHE A 190 11.43 -6.80 1.84
C PHE A 190 12.92 -7.10 1.79
N GLN A 191 13.70 -6.37 2.57
CA GLN A 191 15.15 -6.54 2.59
C GLN A 191 15.54 -7.91 3.15
N GLY A 192 16.32 -8.65 2.37
CA GLY A 192 16.71 -10.00 2.75
C GLY A 192 15.70 -11.04 2.30
N GLY A 193 14.57 -10.57 1.77
CA GLY A 193 13.55 -11.47 1.26
C GLY A 193 13.51 -11.48 -0.25
N HIS A 194 12.91 -12.51 -0.83
CA HIS A 194 12.84 -12.66 -2.27
C HIS A 194 11.47 -13.18 -2.66
N ILE A 195 10.84 -12.50 -3.62
CA ILE A 195 9.49 -12.85 -4.06
C ILE A 195 9.43 -13.11 -5.56
N GLU A 196 8.94 -14.30 -5.91
CA GLU A 196 8.74 -14.70 -7.30
C GLU A 196 7.44 -15.46 -7.41
N GLU A 197 6.80 -15.38 -8.57
CA GLU A 197 5.72 -16.30 -8.92
C GLU A 197 4.65 -16.47 -7.83
N CYS A 198 4.11 -15.35 -7.37
CA CYS A 198 3.12 -15.39 -6.30
C CYS A 198 1.83 -16.11 -6.69
N SER A 199 1.35 -16.94 -5.77
CA SER A 199 0.04 -17.54 -5.90
C SER A 199 -0.90 -16.81 -4.95
N CYS A 200 -1.86 -16.07 -5.50
CA CYS A 200 -2.68 -15.16 -4.71
C CYS A 200 -4.15 -15.50 -4.81
N TYR A 201 -4.90 -15.18 -3.75
CA TYR A 201 -6.33 -15.41 -3.72
C TYR A 201 -6.98 -14.38 -2.82
N PRO A 202 -8.28 -14.11 -3.04
CA PRO A 202 -9.01 -13.19 -2.17
C PRO A 202 -9.45 -13.85 -0.88
N ASN A 203 -9.41 -13.11 0.22
CA ASN A 203 -9.87 -13.61 1.51
C ASN A 203 -10.35 -12.45 2.37
N LEU A 204 -11.67 -12.36 2.54
CA LEU A 204 -12.29 -11.28 3.31
C LEU A 204 -11.84 -9.90 2.85
N GLY A 205 -11.78 -9.72 1.54
CA GLY A 205 -11.53 -8.41 0.96
C GLY A 205 -10.07 -8.00 0.91
N LYS A 206 -9.18 -8.90 1.28
CA LYS A 206 -7.75 -8.67 1.14
C LYS A 206 -7.18 -9.70 0.18
N VAL A 207 -6.02 -9.39 -0.40
CA VAL A 207 -5.33 -10.35 -1.25
C VAL A 207 -4.24 -11.04 -0.43
N GLU A 208 -4.27 -12.36 -0.39
CA GLU A 208 -3.26 -13.13 0.31
C GLU A 208 -2.43 -13.92 -0.72
N CYS A 209 -1.12 -13.80 -0.63
CA CYS A 209 -0.22 -14.42 -1.58
C CYS A 209 0.80 -15.30 -0.90
N VAL A 210 1.03 -16.47 -1.49
CA VAL A 210 2.10 -17.38 -1.08
C VAL A 210 3.04 -17.51 -2.27
N CYS A 211 4.31 -17.17 -2.07
CA CYS A 211 5.22 -17.01 -3.21
C CYS A 211 6.42 -17.94 -3.17
N ARG A 212 7.38 -17.64 -4.04
CA ARG A 212 8.61 -18.43 -4.16
C ARG A 212 9.80 -17.53 -3.86
N ASP A 213 10.63 -17.95 -2.91
CA ASP A 213 11.89 -17.28 -2.62
C ASP A 213 12.97 -18.01 -3.38
N ASN A 214 13.62 -17.33 -4.32
CA ASN A 214 14.63 -17.97 -5.16
C ASN A 214 16.05 -17.63 -4.70
N TRP A 215 16.15 -17.16 -3.46
CA TRP A 215 17.39 -16.64 -2.89
C TRP A 215 17.79 -17.48 -1.67
N ASN A 216 17.51 -16.98 -0.47
CA ASN A 216 17.95 -17.64 0.76
C ASN A 216 16.88 -18.47 1.50
N GLY A 217 15.69 -18.61 0.93
CA GLY A 217 14.61 -19.26 1.66
C GLY A 217 14.05 -20.53 1.06
N MET A 218 13.96 -21.58 1.88
CA MET A 218 13.24 -22.80 1.49
C MET A 218 11.82 -22.75 2.06
N ASN A 219 11.57 -21.75 2.90
CA ASN A 219 10.20 -21.41 3.28
C ASN A 219 9.64 -20.40 2.29
N ARG A 220 8.31 -20.34 2.19
CA ARG A 220 7.66 -19.48 1.20
C ARG A 220 7.31 -18.11 1.76
N PRO A 221 7.61 -17.05 1.01
CA PRO A 221 7.18 -15.71 1.41
C PRO A 221 5.66 -15.62 1.43
N ILE A 222 5.14 -14.82 2.36
CA ILE A 222 3.73 -14.49 2.40
C ILE A 222 3.59 -12.98 2.24
N LEU A 223 2.72 -12.58 1.33
CA LEU A 223 2.44 -11.17 1.11
C LEU A 223 0.94 -10.96 1.16
N ILE A 224 0.49 -10.08 2.04
CA ILE A 224 -0.92 -9.78 2.18
C ILE A 224 -1.14 -8.28 1.97
N PHE A 225 -2.07 -7.92 1.12
CA PHE A 225 -2.32 -6.49 0.89
C PHE A 225 -3.80 -6.17 0.72
N ASP A 226 -4.13 -4.89 0.85
CA ASP A 226 -5.52 -4.43 0.74
C ASP A 226 -5.71 -3.47 -0.44
N GLU A 227 -6.90 -2.91 -0.55
CA GLU A 227 -7.26 -2.08 -1.71
C GLU A 227 -6.38 -0.83 -1.84
N ASP A 228 -5.79 -0.38 -0.73
CA ASP A 228 -4.90 0.77 -0.74
C ASP A 228 -3.48 0.39 -1.10
N LEU A 229 -3.25 -0.92 -1.26
CA LEU A 229 -1.92 -1.47 -1.47
C LEU A 229 -1.04 -1.35 -0.21
N ASP A 230 -1.67 -1.11 0.94
CA ASP A 230 -1.00 -1.31 2.21
C ASP A 230 -0.75 -2.81 2.33
N TYR A 231 0.38 -3.19 2.90
CA TYR A 231 0.76 -4.60 2.89
C TYR A 231 1.45 -5.09 4.16
N GLU A 232 1.44 -6.41 4.33
CA GLU A 232 2.28 -7.11 5.30
C GLU A 232 3.09 -8.13 4.52
N VAL A 233 4.38 -8.24 4.82
CA VAL A 233 5.22 -9.20 4.13
C VAL A 233 6.09 -9.96 5.12
N GLY A 234 6.34 -11.23 4.83
CA GLY A 234 7.08 -12.10 5.72
C GLY A 234 7.18 -13.49 5.12
N TYR A 235 7.26 -14.51 5.98
CA TYR A 235 7.34 -15.89 5.54
C TYR A 235 6.27 -16.75 6.20
N LEU A 236 5.89 -17.83 5.53
CA LEU A 236 4.93 -18.76 6.10
C LEU A 236 5.51 -19.29 7.41
N CYS A 237 4.81 -19.04 8.51
CA CYS A 237 5.34 -19.34 9.84
C CYS A 237 5.67 -20.80 10.06
N ALA A 238 4.89 -21.68 9.44
CA ALA A 238 4.97 -23.12 9.68
C ALA A 238 6.39 -23.67 9.78
N GLY A 239 6.62 -24.54 10.75
CA GLY A 239 7.87 -25.24 10.90
C GLY A 239 7.98 -26.41 9.94
N ILE A 240 7.24 -26.32 8.84
CA ILE A 240 7.28 -27.29 7.77
C ILE A 240 7.62 -26.53 6.49
N PRO A 241 8.77 -26.83 5.88
CA PRO A 241 9.17 -26.10 4.67
C PRO A 241 8.40 -26.62 3.46
N THR A 242 8.02 -25.74 2.54
CA THR A 242 7.19 -26.19 1.42
C THR A 242 7.71 -25.81 0.02
N ASP A 243 8.89 -25.21 -0.04
CA ASP A 243 9.53 -24.96 -1.33
C ASP A 243 10.26 -26.23 -1.77
N THR A 244 10.77 -26.22 -3.00
CA THR A 244 11.67 -27.27 -3.47
C THR A 244 12.77 -26.58 -4.26
N PRO A 245 14.04 -26.82 -3.91
CA PRO A 245 14.53 -27.77 -2.90
C PRO A 245 14.35 -27.32 -1.46
N ARG A 246 14.34 -28.31 -0.55
CA ARG A 246 14.24 -28.06 0.88
C ARG A 246 14.93 -29.20 1.62
N VAL A 247 14.97 -29.12 2.94
CA VAL A 247 15.47 -30.22 3.74
C VAL A 247 14.29 -30.98 4.34
N GLN A 248 14.57 -32.14 4.93
CA GLN A 248 13.53 -32.91 5.61
C GLN A 248 12.96 -32.08 6.74
N ASP A 249 11.67 -32.29 7.04
CA ASP A 249 10.98 -31.52 8.07
C ASP A 249 11.74 -31.45 9.39
N SER A 250 12.31 -32.57 9.83
CA SER A 250 12.96 -32.64 11.13
C SER A 250 14.23 -31.80 11.20
N SER A 251 14.74 -31.38 10.05
CA SER A 251 15.95 -30.56 9.98
C SER A 251 15.63 -29.09 9.80
N PHE A 252 14.36 -28.73 9.88
CA PHE A 252 13.91 -27.38 9.60
C PHE A 252 13.29 -26.73 10.83
N THR A 253 13.63 -25.46 11.04
CA THR A 253 13.00 -24.66 12.07
C THR A 253 12.35 -23.45 11.40
N GLY A 254 11.06 -23.27 11.63
CA GLY A 254 10.31 -22.24 10.93
C GLY A 254 10.64 -20.82 11.37
N SER A 255 10.16 -19.86 10.58
CA SER A 255 10.25 -18.44 10.92
C SER A 255 9.15 -17.68 10.20
N CYS A 256 8.51 -16.75 10.92
CA CYS A 256 7.47 -15.89 10.36
C CYS A 256 8.08 -14.70 9.64
N THR A 257 9.34 -14.42 9.93
CA THR A 257 9.94 -13.15 9.52
C THR A 257 11.14 -13.30 8.59
N ASN A 258 11.88 -14.39 8.73
CA ASN A 258 13.14 -14.54 8.02
C ASN A 258 13.16 -15.73 7.05
N ALA A 259 13.87 -15.55 5.94
CA ALA A 259 14.15 -16.65 5.04
C ALA A 259 15.01 -17.69 5.76
N VAL A 260 14.60 -18.95 5.67
CA VAL A 260 15.36 -20.05 6.26
C VAL A 260 15.84 -20.93 5.12
N GLY A 261 17.16 -21.08 5.00
CA GLY A 261 17.72 -21.78 3.87
C GLY A 261 18.99 -22.55 4.19
N GLY A 262 19.95 -22.50 3.25
CA GLY A 262 21.18 -23.24 3.39
C GLY A 262 21.00 -24.71 3.09
N SER A 263 21.98 -25.51 3.49
CA SER A 263 21.91 -26.96 3.31
C SER A 263 21.61 -27.35 1.86
N GLY A 264 22.18 -26.57 0.92
CA GLY A 264 22.06 -26.87 -0.49
C GLY A 264 20.74 -26.47 -1.13
N THR A 265 19.95 -25.66 -0.42
CA THR A 265 18.63 -25.27 -0.93
C THR A 265 18.59 -23.87 -1.51
N ASN A 266 19.65 -23.09 -1.32
CA ASN A 266 19.67 -21.71 -1.79
C ASN A 266 19.65 -21.59 -3.32
N ASN A 267 19.13 -20.46 -3.80
CA ASN A 267 19.21 -20.08 -5.21
C ASN A 267 18.33 -20.87 -6.17
N TYR A 268 17.34 -21.56 -5.63
CA TYR A 268 16.32 -22.17 -6.49
C TYR A 268 15.01 -22.26 -5.74
N GLY A 269 14.02 -22.88 -6.37
CA GLY A 269 12.70 -22.98 -5.79
C GLY A 269 11.74 -23.47 -6.85
N VAL A 270 10.46 -23.50 -6.50
CA VAL A 270 9.42 -23.84 -7.46
C VAL A 270 8.19 -23.04 -7.09
N LYS A 271 7.40 -22.65 -8.09
CA LYS A 271 6.15 -21.97 -7.79
C LYS A 271 5.23 -22.91 -7.03
N GLY A 272 4.62 -22.40 -5.97
CA GLY A 272 3.68 -23.18 -5.18
C GLY A 272 2.63 -22.29 -4.55
N PHE A 273 1.85 -22.84 -3.63
CA PHE A 273 0.71 -22.12 -3.08
C PHE A 273 0.41 -22.54 -1.65
N GLY A 274 -0.45 -21.76 -1.01
CA GLY A 274 -1.00 -22.11 0.28
C GLY A 274 -2.31 -21.36 0.48
N PHE A 275 -3.15 -21.86 1.37
CA PHE A 275 -4.40 -21.18 1.71
C PHE A 275 -4.53 -21.02 3.22
N ARG A 276 -4.67 -19.77 3.67
CA ARG A 276 -4.94 -19.53 5.08
C ARG A 276 -6.28 -20.17 5.45
N GLN A 277 -6.32 -20.79 6.63
CA GLN A 277 -7.55 -21.37 7.17
C GLN A 277 -7.68 -20.90 8.60
N GLY A 278 -8.12 -19.66 8.78
CA GLY A 278 -8.11 -19.05 10.10
C GLY A 278 -6.67 -18.82 10.52
N ASN A 279 -6.22 -19.58 11.52
CA ASN A 279 -4.83 -19.54 11.96
C ASN A 279 -3.98 -20.62 11.34
N SER A 280 -4.63 -21.60 10.72
CA SER A 280 -3.96 -22.72 10.08
C SER A 280 -3.71 -22.44 8.60
N VAL A 281 -3.13 -23.43 7.92
CA VAL A 281 -2.81 -23.26 6.51
C VAL A 281 -2.80 -24.60 5.77
N TRP A 282 -3.40 -24.62 4.58
CA TRP A 282 -3.21 -25.71 3.62
C TRP A 282 -2.03 -25.31 2.76
N ALA A 283 -1.01 -26.16 2.68
CA ALA A 283 0.15 -25.85 1.84
C ALA A 283 0.50 -27.03 0.94
N GLY A 284 0.74 -26.75 -0.33
CA GLY A 284 1.16 -27.77 -1.26
C GLY A 284 2.68 -27.91 -1.28
N ARG A 285 3.15 -29.09 -1.65
CA ARG A 285 4.57 -29.26 -1.93
C ARG A 285 4.84 -30.53 -2.70
N THR A 286 5.96 -30.57 -3.40
CA THR A 286 6.40 -31.80 -4.04
C THR A 286 6.64 -32.84 -2.95
N VAL A 287 6.51 -34.11 -3.29
CA VAL A 287 6.80 -35.16 -2.31
C VAL A 287 8.30 -35.23 -2.04
N SER A 288 9.08 -35.17 -3.11
CA SER A 288 10.54 -35.15 -3.00
C SER A 288 11.02 -33.83 -2.43
N ILE A 289 12.05 -33.87 -1.59
CA ILE A 289 12.61 -32.63 -1.03
C ILE A 289 13.58 -31.98 -2.01
N SER A 290 14.05 -32.74 -2.99
CA SER A 290 15.10 -32.24 -3.88
C SER A 290 14.63 -32.03 -5.31
N SER A 291 13.66 -32.82 -5.75
CA SER A 291 13.23 -32.78 -7.15
C SER A 291 11.75 -32.46 -7.29
N ARG A 292 11.36 -32.02 -8.49
CA ARG A 292 9.98 -31.73 -8.77
C ARG A 292 9.24 -33.02 -9.15
N SER A 293 9.06 -33.87 -8.15
CA SER A 293 8.35 -35.14 -8.33
C SER A 293 7.33 -35.31 -7.20
N GLY A 294 6.18 -35.87 -7.55
CA GLY A 294 5.10 -36.07 -6.60
C GLY A 294 4.44 -34.77 -6.19
N PHE A 295 3.28 -34.89 -5.55
CA PHE A 295 2.64 -33.71 -4.99
C PHE A 295 1.68 -34.07 -3.86
N GLU A 296 1.76 -33.31 -2.79
CA GLU A 296 0.91 -33.51 -1.63
C GLU A 296 0.47 -32.17 -1.07
N ILE A 297 -0.62 -32.16 -0.32
CA ILE A 297 -1.08 -30.95 0.33
C ILE A 297 -1.27 -31.23 1.81
N LEU A 298 -0.78 -30.32 2.65
CA LEU A 298 -0.76 -30.52 4.09
C LEU A 298 -1.59 -29.46 4.80
N LEU A 299 -2.39 -29.87 5.76
CA LEU A 299 -3.05 -28.92 6.64
C LEU A 299 -2.22 -28.82 7.92
N ILE A 300 -1.61 -27.66 8.14
CA ILE A 300 -0.73 -27.45 9.28
C ILE A 300 -1.43 -26.61 10.34
N GLU A 301 -1.65 -27.20 11.51
CA GLU A 301 -2.37 -26.55 12.59
C GLU A 301 -1.65 -25.28 13.05
N ASP A 302 -2.36 -24.15 12.99
CA ASP A 302 -1.81 -22.86 13.38
C ASP A 302 -0.59 -22.45 12.54
N GLY A 303 -0.45 -23.06 11.37
CA GLY A 303 0.72 -22.85 10.53
C GLY A 303 0.85 -21.46 9.93
N TRP A 304 -0.23 -20.68 9.99
CA TRP A 304 -0.19 -19.33 9.45
C TRP A 304 0.36 -18.33 10.48
N ILE A 305 0.29 -18.69 11.76
CA ILE A 305 0.63 -17.74 12.82
C ILE A 305 1.81 -18.14 13.71
N ARG A 306 2.19 -19.42 13.69
CA ARG A 306 3.34 -19.86 14.47
C ARG A 306 4.11 -20.99 13.79
N THR A 307 5.30 -21.26 14.32
CA THR A 307 6.22 -22.22 13.69
C THR A 307 5.82 -23.66 13.97
N SER A 308 4.54 -23.96 13.79
CA SER A 308 3.98 -25.28 14.06
C SER A 308 4.52 -26.38 13.16
N LYS A 309 4.66 -27.57 13.72
CA LYS A 309 5.04 -28.75 12.94
C LYS A 309 3.91 -29.77 12.99
N THR A 310 2.76 -29.36 13.48
CA THR A 310 1.62 -30.25 13.62
C THR A 310 0.84 -30.36 12.31
N ILE A 311 0.99 -31.51 11.65
CA ILE A 311 0.26 -31.78 10.42
C ILE A 311 -0.99 -32.57 10.75
N VAL A 312 -2.15 -31.95 10.57
CA VAL A 312 -3.41 -32.57 10.95
C VAL A 312 -4.06 -33.36 9.82
N LYS A 313 -3.78 -32.96 8.58
CA LYS A 313 -4.22 -33.70 7.41
C LYS A 313 -3.14 -33.67 6.34
N LYS A 314 -3.05 -34.74 5.57
CA LYS A 314 -2.17 -34.76 4.41
C LYS A 314 -2.81 -35.59 3.32
N VAL A 315 -2.84 -35.04 2.11
CA VAL A 315 -3.38 -35.77 0.96
C VAL A 315 -2.39 -35.75 -0.20
N GLU A 316 -2.14 -36.92 -0.77
CA GLU A 316 -1.26 -37.03 -1.92
C GLU A 316 -2.10 -37.14 -3.19
N VAL A 317 -1.78 -36.31 -4.19
CA VAL A 317 -2.51 -36.34 -5.45
C VAL A 317 -1.64 -36.79 -6.61
N LEU A 318 -0.36 -36.99 -6.35
CA LEU A 318 0.59 -37.50 -7.34
C LEU A 318 1.73 -38.16 -6.60
N ASN A 319 1.98 -39.43 -6.87
CA ASN A 319 3.05 -40.13 -6.15
C ASN A 319 4.43 -39.71 -6.64
N ASN A 320 5.45 -40.08 -5.86
CA ASN A 320 6.80 -39.59 -6.09
C ASN A 320 7.51 -40.25 -7.27
N LYS A 321 6.82 -41.19 -7.94
CA LYS A 321 7.38 -41.84 -9.12
C LYS A 321 7.05 -41.02 -10.36
N ASN A 322 6.32 -39.93 -10.18
CA ASN A 322 5.86 -39.12 -11.29
C ASN A 322 6.26 -37.66 -11.19
N TRP A 323 6.53 -37.06 -12.34
CA TRP A 323 6.98 -35.67 -12.40
C TRP A 323 5.87 -34.68 -12.10
N SER A 324 6.16 -33.73 -11.22
CA SER A 324 5.26 -32.61 -11.00
C SER A 324 5.83 -31.35 -11.63
N GLY A 325 5.75 -30.23 -10.92
CA GLY A 325 6.15 -28.95 -11.46
C GLY A 325 5.54 -27.82 -10.67
N TYR A 326 5.18 -26.74 -11.36
CA TYR A 326 4.55 -25.59 -10.72
C TYR A 326 3.17 -25.94 -10.18
N SER A 327 2.72 -25.20 -9.17
CA SER A 327 1.35 -25.29 -8.71
C SER A 327 0.90 -23.88 -8.32
N GLY A 328 -0.40 -23.62 -8.40
CA GLY A 328 -0.90 -22.29 -8.14
C GLY A 328 -2.31 -22.26 -7.60
N ALA A 329 -2.67 -21.13 -7.01
CA ALA A 329 -3.97 -20.98 -6.36
C ALA A 329 -4.96 -20.18 -7.20
N PHE A 330 -6.24 -20.50 -7.04
CA PHE A 330 -7.33 -19.67 -7.55
C PHE A 330 -8.56 -19.94 -6.70
N THR A 331 -9.63 -19.19 -6.95
CA THR A 331 -10.88 -19.38 -6.21
C THR A 331 -12.07 -19.42 -7.14
N ILE A 332 -13.13 -20.08 -6.68
CA ILE A 332 -14.40 -20.09 -7.40
C ILE A 332 -15.34 -19.09 -6.75
N PRO A 333 -15.88 -18.16 -7.55
CA PRO A 333 -16.79 -17.12 -7.07
C PRO A 333 -18.12 -17.69 -6.56
N ILE A 334 -18.83 -16.89 -5.78
CA ILE A 334 -20.12 -17.26 -5.21
C ILE A 334 -21.17 -17.47 -6.29
N THR A 335 -20.98 -16.83 -7.44
CA THR A 335 -21.98 -16.78 -8.50
C THR A 335 -22.21 -18.09 -9.23
N MET A 336 -21.59 -19.16 -8.76
CA MET A 336 -21.78 -20.48 -9.36
C MET A 336 -21.97 -21.53 -8.28
N THR A 337 -21.50 -21.23 -7.07
CA THR A 337 -21.63 -22.15 -5.96
C THR A 337 -22.79 -21.72 -5.07
N SER A 338 -23.23 -22.62 -4.21
CA SER A 338 -24.29 -22.36 -3.25
C SER A 338 -23.67 -22.00 -1.91
N LYS A 339 -22.59 -21.23 -1.94
CA LYS A 339 -21.86 -20.90 -0.72
C LYS A 339 -21.79 -19.41 -0.45
N GLN A 340 -21.44 -19.06 0.78
CA GLN A 340 -21.28 -17.66 1.18
C GLN A 340 -19.80 -17.37 1.38
N CYS A 341 -18.96 -18.26 0.86
CA CYS A 341 -17.52 -18.12 0.98
C CYS A 341 -16.86 -18.53 -0.33
N LEU A 342 -15.61 -18.11 -0.51
CA LEU A 342 -14.88 -18.37 -1.75
C LEU A 342 -14.17 -19.72 -1.69
N VAL A 343 -14.41 -20.56 -2.68
CA VAL A 343 -13.84 -21.91 -2.67
C VAL A 343 -12.39 -21.89 -3.14
N PRO A 344 -11.46 -22.37 -2.29
CA PRO A 344 -10.05 -22.45 -2.67
C PRO A 344 -9.76 -23.63 -3.59
N CYS A 345 -9.06 -23.36 -4.69
CA CYS A 345 -8.67 -24.41 -5.63
C CYS A 345 -7.21 -24.25 -6.01
N PHE A 346 -6.60 -25.33 -6.47
CA PHE A 346 -5.25 -25.26 -7.00
C PHE A 346 -5.11 -26.08 -8.27
N TRP A 347 -4.15 -25.68 -9.10
CA TRP A 347 -3.77 -26.47 -10.25
C TRP A 347 -2.37 -27.02 -10.03
N LEU A 348 -2.10 -28.16 -10.65
CA LEU A 348 -0.81 -28.82 -10.56
C LEU A 348 -0.29 -29.07 -11.96
N GLU A 349 0.93 -28.61 -12.21
CA GLU A 349 1.61 -28.82 -13.48
C GLU A 349 2.47 -30.07 -13.41
N MET A 350 2.40 -30.90 -14.44
CA MET A 350 3.21 -32.11 -14.50
C MET A 350 4.08 -32.05 -15.74
N ILE A 351 5.36 -31.81 -15.54
CA ILE A 351 6.29 -31.53 -16.64
C ILE A 351 6.84 -32.82 -17.24
N ARG A 352 6.84 -32.90 -18.56
CA ARG A 352 7.41 -34.04 -19.28
C ARG A 352 8.49 -33.56 -20.24
N GLY A 353 9.46 -34.42 -20.51
CA GLY A 353 10.55 -34.08 -21.41
C GLY A 353 11.76 -33.55 -20.66
N LYS A 354 12.48 -32.63 -21.28
CA LYS A 354 13.64 -32.02 -20.62
C LYS A 354 13.18 -31.18 -19.43
N PRO A 355 14.03 -31.05 -18.40
CA PRO A 355 15.40 -31.57 -18.29
C PRO A 355 15.48 -33.00 -17.76
N GLU A 356 14.43 -33.49 -17.11
CA GLU A 356 14.48 -34.80 -16.45
C GLU A 356 14.50 -35.98 -17.42
N GLU A 357 13.83 -35.83 -18.55
CA GLU A 357 13.77 -36.91 -19.53
C GLU A 357 14.55 -36.50 -20.78
N ARG A 358 15.84 -36.80 -20.78
CA ARG A 358 16.78 -36.26 -21.76
C ARG A 358 16.72 -36.92 -23.14
N THR A 359 15.96 -38.01 -23.25
CA THR A 359 15.80 -38.66 -24.55
C THR A 359 14.73 -37.97 -25.40
N SER A 360 14.13 -36.93 -24.84
CA SER A 360 13.19 -36.10 -25.60
C SER A 360 13.81 -34.76 -25.91
N ILE A 361 13.44 -34.17 -27.04
CA ILE A 361 14.02 -32.91 -27.50
C ILE A 361 13.20 -31.72 -27.04
N TRP A 362 12.06 -31.99 -26.42
CA TRP A 362 11.07 -30.99 -26.08
C TRP A 362 10.72 -31.02 -24.60
N THR A 363 10.00 -30.00 -24.16
CA THR A 363 9.45 -29.95 -22.81
C THR A 363 8.03 -29.43 -22.87
N SER A 364 7.10 -30.16 -22.25
CA SER A 364 5.75 -29.64 -22.10
C SER A 364 5.21 -30.03 -20.72
N SER A 365 3.97 -29.68 -20.45
CA SER A 365 3.34 -30.11 -19.22
C SER A 365 1.85 -30.29 -19.42
N SER A 366 1.23 -31.06 -18.54
CA SER A 366 -0.22 -31.14 -18.49
C SER A 366 -0.64 -30.84 -17.07
N SER A 367 -1.95 -30.80 -16.82
CA SER A 367 -2.41 -30.37 -15.50
C SER A 367 -3.46 -31.28 -14.88
N THR A 368 -3.52 -31.23 -13.56
CA THR A 368 -4.69 -31.67 -12.82
C THR A 368 -5.11 -30.49 -11.96
N VAL A 369 -6.39 -30.42 -11.66
CA VAL A 369 -6.93 -29.28 -10.94
C VAL A 369 -7.85 -29.78 -9.84
N PHE A 370 -7.77 -29.16 -8.67
CA PHE A 370 -8.47 -29.63 -7.49
C PHE A 370 -9.14 -28.47 -6.77
N CYS A 371 -10.31 -28.72 -6.19
CA CYS A 371 -10.98 -27.71 -5.39
C CYS A 371 -11.31 -28.21 -3.99
N GLY A 372 -11.24 -27.31 -3.02
CA GLY A 372 -11.53 -27.65 -1.64
C GLY A 372 -13.00 -27.93 -1.40
N VAL A 373 -13.28 -28.92 -0.57
CA VAL A 373 -14.65 -29.26 -0.18
C VAL A 373 -14.74 -29.39 1.33
N SER A 374 -15.97 -29.41 1.85
N SER A 374 -15.97 -29.44 1.84
CA SER A 374 -16.17 -29.36 3.29
CA SER A 374 -16.23 -29.36 3.28
C SER A 374 -15.75 -30.63 4.02
C SER A 374 -15.92 -30.66 4.03
N SER A 375 -15.68 -31.74 3.30
CA SER A 375 -15.35 -33.02 3.92
C SER A 375 -13.99 -33.53 3.47
N GLU A 376 -13.48 -34.54 4.17
CA GLU A 376 -12.23 -35.17 3.76
C GLU A 376 -12.42 -35.91 2.44
N VAL A 377 -11.39 -35.91 1.61
CA VAL A 377 -11.42 -36.58 0.33
C VAL A 377 -10.15 -37.43 0.20
N PRO A 378 -10.29 -38.69 -0.26
CA PRO A 378 -9.12 -39.53 -0.43
C PRO A 378 -8.22 -39.00 -1.53
N GLY A 379 -6.92 -39.31 -1.46
CA GLY A 379 -6.00 -38.99 -2.52
C GLY A 379 -5.92 -40.12 -3.53
N TRP A 380 -5.05 -39.93 -4.53
CA TRP A 380 -4.72 -40.96 -5.49
C TRP A 380 -3.49 -40.43 -6.21
N SER A 381 -3.19 -40.97 -7.39
CA SER A 381 -2.10 -40.43 -8.18
C SER A 381 -2.56 -40.25 -9.62
N TRP A 382 -2.87 -39.00 -9.97
CA TRP A 382 -3.31 -38.68 -11.31
C TRP A 382 -2.14 -38.12 -12.12
N ASP A 383 -1.36 -39.01 -12.71
CA ASP A 383 -0.14 -38.60 -13.42
C ASP A 383 -0.42 -38.17 -14.86
N ASP A 384 0.55 -37.52 -15.48
CA ASP A 384 0.41 -37.03 -16.84
C ASP A 384 -0.04 -38.12 -17.81
N GLY A 385 0.71 -39.23 -17.84
CA GLY A 385 0.28 -40.40 -18.59
C GLY A 385 0.81 -40.56 -19.99
N ALA A 386 1.55 -39.59 -20.50
CA ALA A 386 2.13 -39.72 -21.83
C ALA A 386 3.24 -40.76 -21.84
N ILE A 387 3.35 -41.47 -22.97
CA ILE A 387 4.38 -42.48 -23.13
C ILE A 387 5.51 -41.91 -23.96
N LEU A 388 6.65 -41.64 -23.33
CA LEU A 388 7.79 -41.06 -23.99
C LEU A 388 8.84 -42.14 -24.25
N PRO A 389 9.73 -41.91 -25.23
CA PRO A 389 9.81 -40.73 -26.09
C PRO A 389 8.70 -40.69 -27.13
N PHE A 390 8.54 -39.55 -27.80
CA PHE A 390 7.55 -39.35 -28.85
C PHE A 390 8.18 -39.56 -30.23
N ASP A 391 7.32 -39.57 -31.26
CA ASP A 391 7.79 -39.77 -32.64
C ASP A 391 8.92 -38.81 -33.01
N ILE A 392 8.76 -37.54 -32.63
CA ILE A 392 9.71 -36.51 -33.04
C ILE A 392 11.09 -36.71 -32.40
N ASP A 393 11.12 -37.45 -31.29
CA ASP A 393 12.35 -37.72 -30.56
C ASP A 393 13.21 -38.79 -31.23
N LYS A 394 12.64 -39.45 -32.23
CA LYS A 394 13.35 -40.49 -32.97
C LYS A 394 13.69 -40.02 -34.38
N PRO B 1 -10.33 32.07 34.80
CA PRO B 1 -10.13 31.73 33.38
C PRO B 1 -11.43 31.78 32.59
N GLU B 2 -11.35 32.28 31.37
CA GLU B 2 -12.52 32.35 30.50
C GLU B 2 -12.25 31.66 29.17
N PHE B 3 -13.31 31.25 28.49
CA PHE B 3 -13.16 30.69 27.15
C PHE B 3 -12.73 31.81 26.20
N LEU B 4 -11.85 31.47 25.26
CA LEU B 4 -11.47 32.40 24.20
C LEU B 4 -12.60 32.54 23.20
N ASN B 5 -12.97 33.77 22.88
CA ASN B 5 -13.97 33.99 21.81
C ASN B 5 -13.45 33.43 20.49
N ASN B 6 -12.31 33.95 20.05
CA ASN B 6 -11.71 33.49 18.80
C ASN B 6 -12.66 33.65 17.62
N THR B 7 -13.52 34.67 17.69
CA THR B 7 -14.49 34.92 16.63
C THR B 7 -14.07 36.11 15.76
N GLU B 8 -12.87 36.63 16.00
CA GLU B 8 -12.36 37.77 15.26
C GLU B 8 -11.99 37.38 13.83
N PRO B 9 -11.89 38.38 12.93
CA PRO B 9 -11.42 38.09 11.58
C PRO B 9 -9.95 37.69 11.60
N LEU B 10 -9.54 36.87 10.65
CA LEU B 10 -8.12 36.56 10.47
C LEU B 10 -7.42 37.82 9.96
N CYS B 11 -6.24 38.11 10.48
CA CYS B 11 -5.47 39.25 10.01
C CYS B 11 -5.09 39.10 8.54
N ASN B 12 -5.10 40.21 7.82
CA ASN B 12 -4.43 40.26 6.53
C ASN B 12 -2.96 40.53 6.75
N VAL B 13 -2.11 39.70 6.17
CA VAL B 13 -0.67 39.82 6.37
C VAL B 13 0.06 39.90 5.05
N SER B 14 1.19 40.59 5.05
CA SER B 14 1.97 40.81 3.83
C SER B 14 3.27 40.04 3.81
N GLY B 15 3.55 39.31 4.89
CA GLY B 15 4.78 38.56 4.99
C GLY B 15 4.77 37.65 6.20
N PHE B 16 5.77 36.78 6.29
CA PHE B 16 5.87 35.83 7.38
C PHE B 16 7.26 35.88 8.00
N ALA B 17 7.28 36.08 9.32
CA ALA B 17 8.51 36.21 10.08
C ALA B 17 8.79 34.93 10.85
N ILE B 18 10.05 34.51 10.89
CA ILE B 18 10.38 33.30 11.64
C ILE B 18 10.25 33.54 13.15
N VAL B 19 9.61 32.60 13.83
CA VAL B 19 9.32 32.71 15.25
C VAL B 19 10.17 31.75 16.07
N SER B 20 10.36 30.54 15.56
CA SER B 20 11.15 29.55 16.28
C SER B 20 11.76 28.51 15.37
N LYS B 21 12.75 27.79 15.90
CA LYS B 21 13.39 26.69 15.22
C LYS B 21 13.95 25.79 16.31
N ASP B 22 13.53 24.52 16.33
CA ASP B 22 13.87 23.67 17.49
C ASP B 22 15.23 22.98 17.43
N ASN B 23 15.79 22.85 16.23
CA ASN B 23 17.09 22.21 16.07
C ASN B 23 17.17 20.85 16.74
N GLY B 24 16.04 20.15 16.79
CA GLY B 24 15.91 18.95 17.60
C GLY B 24 16.85 17.82 17.20
N ILE B 25 17.05 17.64 15.90
CA ILE B 25 17.89 16.54 15.43
C ILE B 25 19.37 16.84 15.66
N ARG B 26 19.79 18.07 15.42
CA ARG B 26 21.15 18.49 15.78
C ARG B 26 21.43 18.24 17.25
N ILE B 27 20.48 18.64 18.11
CA ILE B 27 20.65 18.46 19.54
C ILE B 27 20.65 16.98 19.89
N GLY B 28 19.78 16.23 19.23
CA GLY B 28 19.64 14.80 19.47
C GLY B 28 20.81 13.93 19.06
N SER B 29 21.79 14.53 18.39
CA SER B 29 23.01 13.81 18.06
C SER B 29 23.72 13.38 19.35
N ARG B 30 23.53 14.17 20.41
CA ARG B 30 24.14 13.86 21.71
C ARG B 30 23.13 13.92 22.87
N GLY B 31 22.20 14.86 22.80
CA GLY B 31 21.19 14.99 23.83
C GLY B 31 20.13 13.90 23.72
N HIS B 32 19.21 13.89 24.68
CA HIS B 32 18.18 12.86 24.70
C HIS B 32 16.89 13.42 24.11
N VAL B 33 16.69 13.13 22.83
CA VAL B 33 15.63 13.76 22.06
C VAL B 33 14.83 12.68 21.34
N PHE B 34 13.51 12.79 21.40
CA PHE B 34 12.66 11.82 20.72
C PHE B 34 12.82 11.88 19.21
N VAL B 35 12.72 10.70 18.59
CA VAL B 35 12.46 10.61 17.17
C VAL B 35 10.98 10.94 16.99
N ILE B 36 10.68 11.90 16.12
CA ILE B 36 9.31 12.41 16.01
C ILE B 36 8.82 12.53 14.58
N ARG B 37 7.52 12.79 14.46
CA ARG B 37 6.91 13.31 13.24
C ARG B 37 5.89 14.36 13.63
N GLU B 38 5.44 15.14 12.65
CA GLU B 38 4.39 16.16 12.80
C GLU B 38 4.49 17.06 14.03
N PRO B 39 5.52 17.91 14.09
CA PRO B 39 5.71 18.87 15.18
C PRO B 39 4.76 20.06 15.04
N PHE B 40 3.46 19.82 15.21
CA PHE B 40 2.49 20.90 15.03
C PHE B 40 2.39 21.83 16.22
N VAL B 41 1.90 23.04 15.99
CA VAL B 41 1.85 24.05 17.03
C VAL B 41 0.40 24.41 17.32
N ALA B 42 0.10 24.61 18.61
CA ALA B 42 -1.20 25.15 19.01
C ALA B 42 -0.98 26.16 20.11
N CYS B 43 -1.82 27.20 20.15
CA CYS B 43 -1.66 28.26 21.13
C CYS B 43 -2.83 28.38 22.09
N GLY B 44 -2.51 28.57 23.36
CA GLY B 44 -3.49 28.88 24.37
C GLY B 44 -3.47 30.36 24.65
N PRO B 45 -4.14 30.79 25.71
CA PRO B 45 -4.22 32.21 26.07
C PRO B 45 -2.86 32.80 26.45
N THR B 46 -1.96 31.98 26.97
CA THR B 46 -0.70 32.49 27.52
C THR B 46 0.57 31.91 26.89
N GLU B 47 0.45 30.83 26.14
CA GLU B 47 1.63 30.24 25.51
C GLU B 47 1.29 29.36 24.32
N CYS B 48 2.25 29.23 23.43
CA CYS B 48 2.15 28.29 22.31
C CYS B 48 3.02 27.08 22.62
N ARG B 49 2.58 25.91 22.18
CA ARG B 49 3.33 24.69 22.41
C ARG B 49 3.50 23.91 21.10
N THR B 50 4.63 23.23 20.98
CA THR B 50 4.83 22.28 19.89
C THR B 50 4.39 20.90 20.34
N PHE B 51 3.42 20.34 19.63
CA PHE B 51 3.00 18.96 19.85
C PHE B 51 3.73 18.08 18.85
N PHE B 52 3.82 16.79 19.14
CA PHE B 52 4.49 15.87 18.22
C PHE B 52 4.13 14.43 18.53
N LEU B 53 4.25 13.57 17.53
CA LEU B 53 4.09 12.14 17.72
C LEU B 53 5.45 11.46 17.82
N THR B 54 5.59 10.53 18.75
CA THR B 54 6.83 9.77 18.86
C THR B 54 6.55 8.28 19.09
N GLN B 55 7.48 7.45 18.66
CA GLN B 55 7.42 6.01 18.92
C GLN B 55 7.98 5.68 20.30
N GLY B 56 8.27 6.71 21.09
CA GLY B 56 8.85 6.49 22.40
C GLY B 56 10.26 5.95 22.27
N ALA B 57 10.99 6.44 21.28
CA ALA B 57 12.38 6.06 21.06
C ALA B 57 13.18 7.33 20.89
N LEU B 58 14.44 7.28 21.30
CA LEU B 58 15.31 8.45 21.20
C LEU B 58 16.26 8.38 20.01
N LEU B 59 16.64 9.54 19.51
CA LEU B 59 17.66 9.64 18.47
C LEU B 59 18.95 8.96 18.91
N ASN B 60 19.59 8.29 17.97
CA ASN B 60 20.84 7.58 18.21
C ASN B 60 20.72 6.36 19.12
N ASP B 61 19.49 5.91 19.34
CA ASP B 61 19.26 4.66 20.07
C ASP B 61 18.72 3.58 19.14
N LYS B 62 18.99 2.32 19.47
CA LYS B 62 18.55 1.21 18.63
C LYS B 62 17.03 1.16 18.44
N HIS B 63 16.26 1.70 19.38
CA HIS B 63 14.81 1.67 19.27
C HIS B 63 14.28 2.62 18.20
N SER B 64 15.15 3.47 17.66
CA SER B 64 14.78 4.38 16.57
C SER B 64 14.81 3.67 15.21
N ASN B 65 15.27 2.43 15.20
CA ASN B 65 15.28 1.61 13.99
C ASN B 65 13.86 1.54 13.41
N ASN B 66 13.73 1.82 12.11
CA ASN B 66 12.43 1.77 11.45
C ASN B 66 11.96 0.35 11.23
N THR B 67 11.74 -0.38 12.32
CA THR B 67 11.34 -1.78 12.27
C THR B 67 9.93 -1.94 12.80
N VAL B 68 9.29 -0.81 13.12
CA VAL B 68 7.92 -0.82 13.60
C VAL B 68 7.04 0.06 12.71
N LYS B 69 5.83 -0.42 12.42
CA LYS B 69 4.89 0.33 11.60
C LYS B 69 4.54 1.66 12.29
N ASP B 70 4.11 2.64 11.50
CA ASP B 70 3.76 3.95 12.04
C ASP B 70 2.68 3.83 13.09
N ARG B 71 1.64 3.07 12.80
CA ARG B 71 0.52 2.92 13.72
C ARG B 71 0.80 1.79 14.72
N SER B 72 1.67 2.10 15.68
CA SER B 72 2.12 1.11 16.65
C SER B 72 1.52 1.42 18.02
N PRO B 73 1.58 0.44 18.93
CA PRO B 73 1.10 0.66 20.30
C PRO B 73 2.04 1.57 21.11
N TYR B 74 3.20 1.91 20.56
CA TYR B 74 4.14 2.76 21.32
C TYR B 74 3.96 4.24 21.01
N ARG B 75 3.23 4.54 19.94
CA ARG B 75 3.12 5.91 19.47
C ARG B 75 2.33 6.77 20.45
N ALA B 76 2.89 7.94 20.78
CA ALA B 76 2.29 8.84 21.76
C ALA B 76 2.36 10.29 21.30
N LEU B 77 1.38 11.08 21.73
CA LEU B 77 1.38 12.52 21.52
C LEU B 77 1.97 13.17 22.76
N MET B 78 2.96 14.05 22.54
CA MET B 78 3.58 14.82 23.63
C MET B 78 3.70 16.27 23.21
N SER B 79 4.09 17.15 24.14
CA SER B 79 4.31 18.54 23.78
C SER B 79 5.46 19.18 24.57
N VAL B 80 6.02 20.25 24.00
CA VAL B 80 7.00 21.08 24.68
C VAL B 80 6.67 22.54 24.37
N PRO B 81 7.24 23.48 25.14
CA PRO B 81 7.05 24.88 24.79
C PRO B 81 7.56 25.17 23.38
N LEU B 82 6.92 26.10 22.69
CA LEU B 82 7.32 26.44 21.33
C LEU B 82 8.80 26.80 21.25
N GLY B 83 9.52 26.13 20.37
CA GLY B 83 10.93 26.39 20.19
C GLY B 83 11.82 25.39 20.89
N SER B 84 11.28 24.67 21.87
CA SER B 84 12.05 23.66 22.57
C SER B 84 12.24 22.43 21.70
N SER B 85 13.34 21.72 21.92
CA SER B 85 13.54 20.42 21.28
C SER B 85 12.56 19.44 21.90
N PRO B 86 12.17 18.41 21.13
CA PRO B 86 11.23 17.43 21.65
C PRO B 86 11.99 16.40 22.50
N ASN B 87 12.48 16.85 23.65
CA ASN B 87 13.39 16.05 24.43
C ASN B 87 12.74 15.26 25.57
N ALA B 88 13.49 14.32 26.11
CA ALA B 88 12.96 13.37 27.08
C ALA B 88 12.56 13.98 28.41
N TYR B 89 13.08 15.16 28.72
CA TYR B 89 12.95 15.68 30.08
C TYR B 89 12.08 16.94 30.19
N GLN B 90 11.86 17.61 29.06
CA GLN B 90 10.94 18.74 29.01
C GLN B 90 9.57 18.32 28.46
N ALA B 91 9.52 17.17 27.79
CA ALA B 91 8.28 16.71 27.16
C ALA B 91 7.16 16.46 28.16
N LYS B 92 5.97 16.90 27.80
CA LYS B 92 4.75 16.62 28.56
C LYS B 92 3.92 15.58 27.82
N PHE B 93 3.52 14.51 28.51
CA PHE B 93 2.69 13.49 27.89
C PHE B 93 1.27 14.01 27.68
N GLU B 94 0.74 13.80 26.47
CA GLU B 94 -0.60 14.29 26.14
C GLU B 94 -1.64 13.18 25.91
N SER B 95 -1.28 12.18 25.10
CA SER B 95 -2.20 11.11 24.77
C SER B 95 -1.46 9.95 24.13
N VAL B 96 -2.00 8.74 24.27
CA VAL B 96 -1.56 7.66 23.40
C VAL B 96 -2.12 8.03 22.03
N ALA B 97 -1.32 7.89 20.97
CA ALA B 97 -1.75 8.40 19.68
C ALA B 97 -0.83 8.04 18.53
N TRP B 98 -1.40 7.49 17.46
CA TRP B 98 -0.70 7.45 16.17
C TRP B 98 -1.29 8.42 15.15
N SER B 99 -2.31 9.17 15.58
CA SER B 99 -2.86 10.29 14.83
C SER B 99 -3.47 11.23 15.87
N ALA B 100 -3.38 12.54 15.67
CA ALA B 100 -3.77 13.46 16.73
C ALA B 100 -4.12 14.87 16.28
N THR B 101 -4.81 15.57 17.16
CA THR B 101 -5.03 17.01 17.05
C THR B 101 -5.09 17.56 18.47
N ALA B 102 -4.81 18.84 18.63
CA ALA B 102 -4.84 19.47 19.95
C ALA B 102 -5.09 20.96 19.80
N CYS B 103 -5.66 21.57 20.85
CA CYS B 103 -5.96 22.99 20.86
C CYS B 103 -6.34 23.41 22.28
N HIS B 104 -6.53 24.70 22.49
CA HIS B 104 -6.80 25.23 23.81
C HIS B 104 -8.05 26.09 23.74
N ASP B 105 -9.00 25.89 24.64
CA ASP B 105 -10.26 26.64 24.57
C ASP B 105 -10.28 27.92 25.40
N GLY B 106 -9.16 28.23 26.05
CA GLY B 106 -9.07 29.38 26.92
C GLY B 106 -8.98 29.00 28.37
N LYS B 107 -9.55 27.85 28.71
CA LYS B 107 -9.50 27.34 30.08
C LYS B 107 -8.55 26.15 30.20
N LYS B 108 -8.65 25.20 29.27
CA LYS B 108 -7.85 23.98 29.34
C LYS B 108 -7.36 23.52 27.97
N TRP B 109 -6.32 22.69 27.98
CA TRP B 109 -5.87 22.01 26.77
C TRP B 109 -6.78 20.86 26.41
N LEU B 110 -7.08 20.75 25.11
CA LEU B 110 -7.80 19.63 24.56
C LEU B 110 -6.83 18.85 23.68
N ALA B 111 -6.72 17.55 23.92
CA ALA B 111 -5.88 16.71 23.07
C ALA B 111 -6.67 15.50 22.62
N VAL B 112 -6.70 15.26 21.30
CA VAL B 112 -7.41 14.13 20.74
C VAL B 112 -6.40 13.17 20.14
N GLY B 113 -6.32 11.96 20.69
CA GLY B 113 -5.35 10.98 20.26
C GLY B 113 -5.98 9.65 19.87
N ILE B 114 -5.67 9.19 18.66
CA ILE B 114 -6.22 7.95 18.14
C ILE B 114 -5.22 6.81 18.27
N SER B 115 -5.67 5.69 18.82
CA SER B 115 -4.85 4.49 18.88
C SER B 115 -5.72 3.27 18.64
N GLY B 116 -5.14 2.08 18.77
CA GLY B 116 -5.87 0.84 18.51
C GLY B 116 -5.56 0.27 17.15
N ALA B 117 -6.24 -0.82 16.81
CA ALA B 117 -6.04 -1.52 15.55
C ALA B 117 -6.61 -0.75 14.36
N ASP B 118 -6.06 -0.99 13.17
CA ASP B 118 -6.52 -0.30 11.96
C ASP B 118 -8.02 -0.49 11.74
N ASP B 119 -8.54 -1.67 12.07
CA ASP B 119 -9.94 -1.98 11.81
C ASP B 119 -10.87 -1.71 12.99
N ASP B 120 -10.35 -1.07 14.03
CA ASP B 120 -11.17 -0.75 15.20
C ASP B 120 -10.49 0.26 16.10
N ALA B 121 -9.99 1.33 15.49
CA ALA B 121 -9.29 2.38 16.23
C ALA B 121 -10.29 3.26 16.97
N TYR B 122 -9.80 4.00 17.96
CA TYR B 122 -10.66 4.96 18.63
C TYR B 122 -9.85 6.15 19.12
N ALA B 123 -10.50 7.32 19.10
CA ALA B 123 -9.91 8.52 19.63
C ALA B 123 -10.24 8.63 21.11
N VAL B 124 -9.25 8.98 21.91
CA VAL B 124 -9.50 9.35 23.29
C VAL B 124 -9.34 10.86 23.40
N ILE B 125 -10.35 11.51 23.99
CA ILE B 125 -10.33 12.94 24.15
C ILE B 125 -9.84 13.26 25.55
N HIS B 126 -8.77 14.03 25.62
CA HIS B 126 -8.18 14.45 26.88
C HIS B 126 -8.47 15.94 27.07
N TYR B 127 -9.02 16.30 28.22
CA TYR B 127 -9.33 17.70 28.49
C TYR B 127 -8.81 18.07 29.86
N GLY B 128 -7.89 19.02 29.90
CA GLY B 128 -7.23 19.35 31.15
C GLY B 128 -6.49 18.15 31.71
N GLY B 129 -6.07 17.25 30.83
CA GLY B 129 -5.31 16.08 31.22
C GLY B 129 -6.14 14.89 31.65
N MET B 130 -7.47 15.05 31.64
CA MET B 130 -8.34 13.95 32.02
C MET B 130 -9.04 13.36 30.79
N PRO B 131 -9.14 12.04 30.72
CA PRO B 131 -9.87 11.38 29.64
C PRO B 131 -11.37 11.63 29.82
N THR B 132 -11.97 12.34 28.87
CA THR B 132 -13.35 12.77 29.03
C THR B 132 -14.32 12.03 28.11
N ASP B 133 -13.85 11.61 26.94
CA ASP B 133 -14.76 11.01 25.98
C ASP B 133 -13.97 10.22 24.94
N VAL B 134 -14.69 9.47 24.11
CA VAL B 134 -14.07 8.68 23.05
C VAL B 134 -14.86 8.82 21.77
N VAL B 135 -14.18 8.68 20.63
CA VAL B 135 -14.84 8.61 19.34
C VAL B 135 -14.40 7.31 18.67
N ARG B 136 -15.35 6.45 18.36
CA ARG B 136 -15.00 5.20 17.70
C ARG B 136 -14.94 5.34 16.19
N SER B 137 -14.14 4.48 15.56
CA SER B 137 -14.08 4.39 14.12
C SER B 137 -15.45 3.99 13.58
N TRP B 138 -15.94 4.72 12.58
CA TRP B 138 -17.27 4.45 12.03
C TRP B 138 -17.21 3.68 10.70
N ARG B 139 -16.03 3.60 10.09
CA ARG B 139 -15.83 2.83 8.86
C ARG B 139 -14.85 1.68 9.05
N LYS B 140 -14.25 1.60 10.23
CA LYS B 140 -13.32 0.52 10.57
C LYS B 140 -12.13 0.47 9.61
N GLN B 141 -11.63 1.64 9.21
CA GLN B 141 -10.53 1.71 8.27
C GLN B 141 -9.62 2.90 8.55
N ILE B 142 -8.82 2.75 9.61
CA ILE B 142 -7.84 3.75 10.02
C ILE B 142 -8.45 5.13 10.31
N LEU B 143 -9.29 5.20 11.33
CA LEU B 143 -9.75 6.47 11.85
C LEU B 143 -8.53 7.38 12.05
N ARG B 144 -8.61 8.60 11.53
CA ARG B 144 -7.45 9.49 11.56
C ARG B 144 -7.86 10.95 11.54
N THR B 145 -6.95 11.84 11.92
CA THR B 145 -7.32 13.24 12.05
C THR B 145 -6.24 14.20 11.54
N GLN B 146 -6.25 15.43 12.03
CA GLN B 146 -5.56 16.54 11.36
C GLN B 146 -4.04 16.53 11.36
N GLU B 147 -3.44 16.08 12.45
CA GLU B 147 -1.99 16.23 12.68
C GLU B 147 -1.61 17.71 12.75
N SER B 148 -2.57 18.53 13.20
CA SER B 148 -2.32 19.94 13.49
C SER B 148 -3.37 20.45 14.46
N SER B 149 -3.27 21.73 14.82
N SER B 149 -3.26 21.73 14.80
CA SER B 149 -4.14 22.30 15.83
CA SER B 149 -4.14 22.33 15.80
C SER B 149 -5.61 22.26 15.42
C SER B 149 -5.61 22.25 15.41
N CYS B 150 -6.47 21.92 16.38
CA CYS B 150 -7.91 22.04 16.18
C CYS B 150 -8.28 23.50 16.42
N VAL B 151 -9.56 23.82 16.38
CA VAL B 151 -9.99 25.21 16.51
C VAL B 151 -11.04 25.34 17.60
N CYS B 152 -10.83 26.28 18.52
CA CYS B 152 -11.79 26.54 19.59
C CYS B 152 -12.36 27.94 19.45
N MET B 153 -13.69 28.03 19.50
CA MET B 153 -14.37 29.32 19.52
C MET B 153 -15.50 29.28 20.52
N ASN B 154 -15.58 30.29 21.38
CA ASN B 154 -16.68 30.42 22.33
C ASN B 154 -16.87 29.18 23.22
N GLY B 155 -15.77 28.50 23.53
CA GLY B 155 -15.83 27.35 24.44
C GLY B 155 -16.12 26.02 23.77
N ASN B 156 -16.30 26.04 22.45
CA ASN B 156 -16.48 24.82 21.68
C ASN B 156 -15.25 24.58 20.81
N CYS B 157 -14.82 23.33 20.71
CA CYS B 157 -13.65 23.01 19.89
C CYS B 157 -14.03 22.04 18.78
N TYR B 158 -13.44 22.25 17.60
CA TYR B 158 -13.85 21.53 16.39
C TYR B 158 -12.64 20.89 15.74
N TRP B 159 -12.84 19.72 15.15
CA TRP B 159 -11.80 19.09 14.35
C TRP B 159 -12.40 18.19 13.26
N VAL B 160 -11.57 17.81 12.30
CA VAL B 160 -12.01 17.00 11.18
C VAL B 160 -11.36 15.62 11.23
N MET B 161 -12.14 14.57 11.01
CA MET B 161 -11.62 13.22 10.97
C MET B 161 -11.98 12.51 9.67
N THR B 162 -11.18 11.51 9.31
CA THR B 162 -11.42 10.69 8.13
C THR B 162 -11.40 9.23 8.53
N ASP B 163 -12.19 8.42 7.84
CA ASP B 163 -12.23 6.99 8.08
C ASP B 163 -12.55 6.36 6.73
N GLY B 164 -11.76 5.37 6.33
CA GLY B 164 -11.89 4.77 5.00
C GLY B 164 -10.59 4.77 4.24
N PRO B 165 -10.63 4.35 2.96
CA PRO B 165 -9.42 4.19 2.15
C PRO B 165 -8.56 5.45 2.04
N ALA B 166 -7.25 5.25 1.93
CA ALA B 166 -6.29 6.33 1.75
C ALA B 166 -6.17 6.76 0.29
N ASN B 167 -6.55 5.87 -0.63
CA ASN B 167 -6.35 6.10 -2.06
C ASN B 167 -7.61 5.96 -2.89
N SER B 168 -8.77 6.07 -2.26
CA SER B 168 -10.04 6.09 -2.98
C SER B 168 -11.10 6.71 -2.08
N GLN B 169 -12.35 6.71 -2.52
CA GLN B 169 -13.42 7.36 -1.76
C GLN B 169 -13.43 6.94 -0.29
N ALA B 170 -13.38 7.92 0.60
CA ALA B 170 -13.50 7.64 2.03
C ALA B 170 -14.63 8.46 2.63
N SER B 171 -14.70 8.50 3.96
CA SER B 171 -15.73 9.23 4.68
C SER B 171 -15.10 10.30 5.56
N TYR B 172 -15.71 11.48 5.58
CA TYR B 172 -15.13 12.65 6.25
C TYR B 172 -16.15 13.26 7.20
N LYS B 173 -15.74 13.54 8.43
CA LYS B 173 -16.65 14.08 9.44
C LYS B 173 -16.07 15.26 10.19
N ILE B 174 -16.92 16.21 10.51
CA ILE B 174 -16.57 17.31 11.40
C ILE B 174 -17.10 16.99 12.79
N PHE B 175 -16.30 17.26 13.81
CA PHE B 175 -16.70 17.03 15.19
C PHE B 175 -16.70 18.32 16.00
N LYS B 176 -17.65 18.41 16.92
CA LYS B 176 -17.74 19.54 17.84
C LYS B 176 -17.67 19.00 19.27
N SER B 177 -16.97 19.72 20.14
CA SER B 177 -16.84 19.31 21.54
C SER B 177 -16.97 20.50 22.47
N HIS B 178 -17.36 20.23 23.71
CA HIS B 178 -17.38 21.24 24.76
C HIS B 178 -16.86 20.60 26.03
N GLU B 179 -15.81 21.19 26.60
CA GLU B 179 -15.15 20.64 27.79
C GLU B 179 -14.83 19.16 27.63
N GLY B 180 -14.34 18.79 26.46
CA GLY B 180 -13.87 17.43 26.22
C GLY B 180 -14.94 16.41 25.89
N MET B 181 -16.19 16.85 25.83
CA MET B 181 -17.29 15.95 25.45
C MET B 181 -17.67 16.21 24.01
N VAL B 182 -17.77 15.15 23.21
CA VAL B 182 -18.26 15.30 21.85
C VAL B 182 -19.74 15.63 21.89
N THR B 183 -20.12 16.75 21.27
CA THR B 183 -21.48 17.25 21.37
C THR B 183 -22.21 17.31 20.03
N ASN B 184 -21.49 17.10 18.94
CA ASN B 184 -22.11 17.06 17.63
C ASN B 184 -21.14 16.53 16.58
N GLU B 185 -21.67 16.01 15.49
CA GLU B 185 -20.86 15.57 14.36
C GLU B 185 -21.65 15.78 13.09
N ARG B 186 -20.94 15.95 11.98
CA ARG B 186 -21.59 16.07 10.68
C ARG B 186 -20.74 15.40 9.63
N GLU B 187 -21.34 14.48 8.87
CA GLU B 187 -20.61 13.91 7.75
C GLU B 187 -20.61 14.87 6.57
N VAL B 188 -19.44 15.02 5.97
CA VAL B 188 -19.26 15.90 4.83
C VAL B 188 -19.40 15.10 3.54
N SER B 189 -20.42 15.44 2.75
CA SER B 189 -20.64 14.78 1.46
C SER B 189 -19.67 15.34 0.42
N PHE B 190 -18.83 14.47 -0.13
CA PHE B 190 -17.74 14.89 -0.99
C PHE B 190 -17.41 13.77 -1.97
N GLN B 191 -18.39 13.42 -2.81
CA GLN B 191 -18.21 12.34 -3.77
C GLN B 191 -17.16 12.71 -4.81
N GLY B 192 -16.15 11.85 -4.95
CA GLY B 192 -15.06 12.09 -5.88
C GLY B 192 -13.95 12.90 -5.25
N GLY B 193 -14.20 13.40 -4.05
CA GLY B 193 -13.20 14.16 -3.32
C GLY B 193 -12.57 13.33 -2.21
N HIS B 194 -11.45 13.82 -1.67
CA HIS B 194 -10.72 13.11 -0.63
C HIS B 194 -10.14 14.11 0.34
N ILE B 195 -10.36 13.88 1.64
CA ILE B 195 -9.89 14.80 2.67
C ILE B 195 -9.05 14.07 3.72
N GLU B 196 -7.84 14.57 3.93
CA GLU B 196 -6.92 14.07 4.94
C GLU B 196 -6.20 15.25 5.58
N GLU B 197 -5.79 15.08 6.83
CA GLU B 197 -4.81 15.98 7.45
C GLU B 197 -5.13 17.46 7.27
N CYS B 198 -6.34 17.85 7.64
CA CYS B 198 -6.76 19.24 7.47
C CYS B 198 -5.99 20.22 8.33
N SER B 199 -5.61 21.34 7.72
CA SER B 199 -5.06 22.46 8.46
C SER B 199 -6.16 23.50 8.60
N CYS B 200 -6.63 23.72 9.82
CA CYS B 200 -7.80 24.56 10.04
C CYS B 200 -7.48 25.76 10.92
N TYR B 201 -8.25 26.82 10.77
CA TYR B 201 -8.07 28.03 11.56
C TYR B 201 -9.39 28.78 11.66
N PRO B 202 -9.55 29.57 12.72
CA PRO B 202 -10.75 30.39 12.85
C PRO B 202 -10.66 31.65 12.00
N ASN B 203 -11.78 32.05 11.42
CA ASN B 203 -11.86 33.28 10.65
C ASN B 203 -13.28 33.83 10.71
N LEU B 204 -13.46 34.93 11.43
CA LEU B 204 -14.76 35.56 11.58
C LEU B 204 -15.83 34.58 12.08
N GLY B 205 -15.44 33.71 13.00
CA GLY B 205 -16.41 32.84 13.66
C GLY B 205 -16.73 31.56 12.91
N LYS B 206 -16.10 31.39 11.76
CA LYS B 206 -16.19 30.12 11.03
C LYS B 206 -14.85 29.41 11.08
N VAL B 207 -14.87 28.10 10.84
CA VAL B 207 -13.64 27.34 10.71
C VAL B 207 -13.33 27.13 9.24
N GLU B 208 -12.13 27.52 8.84
CA GLU B 208 -11.68 27.32 7.47
C GLU B 208 -10.53 26.32 7.45
N CYS B 209 -10.63 25.32 6.57
CA CYS B 209 -9.66 24.23 6.51
C CYS B 209 -9.11 24.05 5.10
N VAL B 210 -7.80 23.84 5.02
CA VAL B 210 -7.14 23.50 3.77
C VAL B 210 -6.53 22.13 3.98
N CYS B 211 -6.86 21.17 3.13
CA CYS B 211 -6.55 19.78 3.43
C CYS B 211 -5.68 19.09 2.39
N ARG B 212 -5.59 17.78 2.51
CA ARG B 212 -4.81 16.96 1.59
C ARG B 212 -5.72 15.95 0.92
N ASP B 213 -5.72 15.95 -0.41
CA ASP B 213 -6.43 14.94 -1.19
C ASP B 213 -5.42 13.86 -1.53
N ASN B 214 -5.61 12.65 -1.02
CA ASN B 214 -4.65 11.57 -1.24
C ASN B 214 -5.12 10.60 -2.32
N TRP B 215 -6.06 11.06 -3.14
CA TRP B 215 -6.70 10.22 -4.14
C TRP B 215 -6.45 10.80 -5.53
N ASN B 216 -7.39 11.58 -6.06
CA ASN B 216 -7.29 12.08 -7.43
C ASN B 216 -6.92 13.57 -7.58
N GLY B 217 -6.53 14.22 -6.48
CA GLY B 217 -6.30 15.66 -6.53
C GLY B 217 -4.91 16.13 -6.18
N MET B 218 -4.33 16.96 -7.05
CA MET B 218 -3.07 17.65 -6.73
C MET B 218 -3.39 19.07 -6.27
N ASN B 219 -4.66 19.46 -6.37
CA ASN B 219 -5.14 20.66 -5.70
C ASN B 219 -5.66 20.28 -4.31
N ARG B 220 -5.71 21.25 -3.41
CA ARG B 220 -6.10 20.98 -2.02
C ARG B 220 -7.58 21.20 -1.77
N PRO B 221 -8.23 20.25 -1.09
CA PRO B 221 -9.62 20.47 -0.67
C PRO B 221 -9.74 21.64 0.29
N ILE B 222 -10.86 22.35 0.20
CA ILE B 222 -11.18 23.41 1.14
C ILE B 222 -12.50 23.02 1.81
N LEU B 223 -12.53 23.14 3.13
CA LEU B 223 -13.71 22.84 3.91
C LEU B 223 -13.96 23.99 4.88
N ILE B 224 -15.15 24.55 4.83
CA ILE B 224 -15.50 25.67 5.70
C ILE B 224 -16.79 25.33 6.42
N PHE B 225 -16.82 25.51 7.74
CA PHE B 225 -18.03 25.19 8.48
C PHE B 225 -18.30 26.16 9.62
N ASP B 226 -19.55 26.18 10.09
CA ASP B 226 -19.94 27.07 11.18
C ASP B 226 -20.24 26.28 12.45
N GLU B 227 -20.67 26.99 13.49
CA GLU B 227 -20.89 26.39 14.81
C GLU B 227 -22.01 25.34 14.81
N ASP B 228 -22.90 25.41 13.82
CA ASP B 228 -23.98 24.43 13.68
C ASP B 228 -23.54 23.24 12.80
N LEU B 229 -22.28 23.27 12.38
CA LEU B 229 -21.67 22.26 11.52
C LEU B 229 -22.22 22.22 10.10
N ASP B 230 -22.92 23.29 9.69
CA ASP B 230 -23.24 23.45 8.28
C ASP B 230 -21.92 23.79 7.57
N TYR B 231 -21.75 23.29 6.35
CA TYR B 231 -20.45 23.40 5.71
C TYR B 231 -20.53 23.67 4.21
N GLU B 232 -19.41 24.13 3.67
CA GLU B 232 -19.16 24.18 2.23
C GLU B 232 -17.89 23.39 1.98
N VAL B 233 -17.88 22.58 0.93
CA VAL B 233 -16.68 21.81 0.60
C VAL B 233 -16.38 21.89 -0.88
N GLY B 234 -15.10 21.93 -1.21
CA GLY B 234 -14.66 22.05 -2.59
C GLY B 234 -13.15 21.98 -2.66
N TYR B 235 -12.58 22.63 -3.67
CA TYR B 235 -11.14 22.69 -3.82
C TYR B 235 -10.66 24.14 -3.87
N LEU B 236 -9.42 24.36 -3.48
CA LEU B 236 -8.82 25.69 -3.58
C LEU B 236 -8.86 26.11 -5.04
N CYS B 237 -9.58 27.19 -5.32
CA CYS B 237 -9.84 27.62 -6.69
C CYS B 237 -8.58 27.88 -7.50
N ALA B 238 -7.55 28.40 -6.83
CA ALA B 238 -6.34 28.87 -7.51
C ALA B 238 -5.86 27.95 -8.62
N GLY B 239 -5.46 28.55 -9.74
CA GLY B 239 -4.88 27.82 -10.85
C GLY B 239 -3.42 27.51 -10.61
N ILE B 240 -3.05 27.47 -9.33
CA ILE B 240 -1.73 27.07 -8.89
C ILE B 240 -1.90 25.88 -7.96
N PRO B 241 -1.35 24.71 -8.33
CA PRO B 241 -1.50 23.53 -7.49
C PRO B 241 -0.52 23.56 -6.32
N THR B 242 -0.94 23.14 -5.14
CA THR B 242 -0.08 23.26 -3.97
C THR B 242 0.15 21.97 -3.18
N ASP B 243 -0.36 20.85 -3.68
CA ASP B 243 -0.03 19.56 -3.08
C ASP B 243 1.31 19.08 -3.63
N THR B 244 1.83 17.99 -3.07
CA THR B 244 3.00 17.32 -3.62
C THR B 244 2.74 15.82 -3.51
N PRO B 245 2.86 15.09 -4.62
CA PRO B 245 3.30 15.54 -5.95
C PRO B 245 2.25 16.35 -6.73
N ARG B 246 2.74 17.11 -7.70
CA ARG B 246 1.90 17.91 -8.57
C ARG B 246 2.65 18.07 -9.89
N VAL B 247 2.02 18.76 -10.85
CA VAL B 247 2.72 19.12 -12.08
C VAL B 247 3.15 20.58 -12.01
N GLN B 248 3.94 21.01 -12.99
CA GLN B 248 4.34 22.42 -13.05
C GLN B 248 3.11 23.29 -13.26
N ASP B 249 3.18 24.53 -12.78
CA ASP B 249 2.04 25.43 -12.81
C ASP B 249 1.44 25.56 -14.21
N SER B 250 2.29 25.63 -15.23
CA SER B 250 1.83 25.86 -16.60
C SER B 250 1.06 24.68 -17.17
N SER B 251 1.14 23.53 -16.51
CA SER B 251 0.44 22.32 -16.96
C SER B 251 -0.83 22.08 -16.16
N PHE B 252 -1.20 23.04 -15.33
CA PHE B 252 -2.31 22.89 -14.40
C PHE B 252 -3.41 23.91 -14.68
N THR B 253 -4.65 23.43 -14.67
CA THR B 253 -5.81 24.32 -14.74
C THR B 253 -6.64 24.14 -13.47
N GLY B 254 -6.90 25.25 -12.78
CA GLY B 254 -7.59 25.19 -11.50
C GLY B 254 -9.05 24.78 -11.57
N SER B 255 -9.59 24.43 -10.41
CA SER B 255 -11.01 24.14 -10.26
C SER B 255 -11.45 24.38 -8.82
N CYS B 256 -12.59 25.06 -8.66
CA CYS B 256 -13.16 25.31 -7.35
C CYS B 256 -13.92 24.08 -6.85
N THR B 257 -14.28 23.20 -7.77
CA THR B 257 -15.24 22.14 -7.45
C THR B 257 -14.70 20.71 -7.60
N ASN B 258 -13.72 20.53 -8.47
CA ASN B 258 -13.25 19.17 -8.77
C ASN B 258 -11.78 18.93 -8.48
N ALA B 259 -11.47 17.70 -8.07
CA ALA B 259 -10.10 17.28 -7.92
C ALA B 259 -9.46 17.27 -9.30
N VAL B 260 -8.28 17.90 -9.40
CA VAL B 260 -7.51 17.89 -10.62
C VAL B 260 -6.23 17.11 -10.36
N GLY B 261 -6.01 16.03 -11.09
CA GLY B 261 -4.89 15.16 -10.83
C GLY B 261 -4.30 14.53 -12.07
N GLY B 262 -3.98 13.24 -11.99
CA GLY B 262 -3.35 12.53 -13.08
C GLY B 262 -1.89 12.89 -13.23
N SER B 263 -1.31 12.54 -14.38
CA SER B 263 0.08 12.83 -14.67
C SER B 263 1.03 12.32 -13.58
N GLY B 264 0.68 11.17 -13.01
CA GLY B 264 1.54 10.52 -12.02
C GLY B 264 1.43 11.09 -10.61
N THR B 265 0.47 11.97 -10.39
CA THR B 265 0.34 12.63 -9.09
C THR B 265 -0.69 11.99 -8.17
N ASN B 266 -1.42 10.99 -8.67
CA ASN B 266 -2.49 10.38 -7.88
C ASN B 266 -1.98 9.55 -6.70
N ASN B 267 -2.85 9.34 -5.72
CA ASN B 267 -2.61 8.40 -4.63
C ASN B 267 -1.55 8.83 -3.62
N TYR B 268 -1.23 10.11 -3.59
CA TYR B 268 -0.32 10.62 -2.59
C TYR B 268 -0.56 12.09 -2.37
N GLY B 269 0.27 12.71 -1.54
CA GLY B 269 0.10 14.11 -1.19
C GLY B 269 0.98 14.41 0.00
N VAL B 270 0.83 15.61 0.54
CA VAL B 270 1.54 16.00 1.74
C VAL B 270 0.63 16.95 2.50
N LYS B 271 0.65 16.88 3.82
CA LYS B 271 -0.13 17.83 4.60
C LYS B 271 0.38 19.23 4.33
N GLY B 272 -0.54 20.17 4.10
CA GLY B 272 -0.18 21.54 3.87
C GLY B 272 -1.25 22.48 4.38
N PHE B 273 -1.16 23.75 4.00
CA PHE B 273 -2.06 24.75 4.56
C PHE B 273 -2.26 25.93 3.61
N GLY B 274 -3.24 26.75 3.95
CA GLY B 274 -3.45 28.02 3.28
C GLY B 274 -4.26 28.93 4.17
N PHE B 275 -4.18 30.23 3.93
CA PHE B 275 -4.96 31.21 4.67
C PHE B 275 -5.74 32.10 3.73
N ARG B 276 -7.06 32.12 3.89
CA ARG B 276 -7.87 33.06 3.13
C ARG B 276 -7.49 34.48 3.51
N GLN B 277 -7.43 35.35 2.51
CA GLN B 277 -7.15 36.77 2.70
C GLN B 277 -8.17 37.54 1.88
N GLY B 278 -9.37 37.70 2.43
CA GLY B 278 -10.47 38.23 1.66
C GLY B 278 -10.79 37.28 0.54
N ASN B 279 -10.54 37.70 -0.70
CA ASN B 279 -10.74 36.85 -1.87
C ASN B 279 -9.46 36.13 -2.30
N SER B 280 -8.33 36.59 -1.77
CA SER B 280 -7.04 36.00 -2.09
C SER B 280 -6.67 34.90 -1.09
N VAL B 281 -5.50 34.30 -1.26
CA VAL B 281 -5.06 33.22 -0.39
C VAL B 281 -3.54 33.14 -0.32
N TRP B 282 -3.01 32.97 0.90
CA TRP B 282 -1.63 32.56 1.08
C TRP B 282 -1.62 31.05 1.10
N ALA B 283 -0.82 30.42 0.25
CA ALA B 283 -0.74 28.97 0.21
C ALA B 283 0.70 28.50 0.25
N GLY B 284 0.98 27.53 1.11
CA GLY B 284 2.31 26.95 1.17
C GLY B 284 2.46 25.78 0.22
N ARG B 285 3.70 25.53 -0.19
CA ARG B 285 4.01 24.32 -0.96
C ARG B 285 5.49 24.03 -0.95
N THR B 286 5.83 22.76 -1.18
CA THR B 286 7.21 22.38 -1.37
C THR B 286 7.71 23.08 -2.64
N VAL B 287 9.00 23.35 -2.73
CA VAL B 287 9.53 23.95 -3.95
C VAL B 287 9.52 22.93 -5.08
N SER B 288 9.93 21.69 -4.78
CA SER B 288 9.88 20.60 -5.75
C SER B 288 8.44 20.19 -6.03
N ILE B 289 8.15 19.85 -7.29
CA ILE B 289 6.82 19.37 -7.63
C ILE B 289 6.65 17.89 -7.32
N SER B 290 7.75 17.18 -7.09
CA SER B 290 7.69 15.73 -6.94
C SER B 290 8.17 15.23 -5.58
N SER B 291 9.01 16.01 -4.91
CA SER B 291 9.61 15.57 -3.66
C SER B 291 9.30 16.55 -2.55
N ARG B 292 9.42 16.07 -1.31
CA ARG B 292 9.25 16.92 -0.15
C ARG B 292 10.56 17.67 0.12
N SER B 293 10.85 18.62 -0.77
N SER B 293 10.88 18.61 -0.78
CA SER B 293 12.07 19.41 -0.68
CA SER B 293 12.08 19.42 -0.64
C SER B 293 11.74 20.89 -0.87
C SER B 293 11.75 20.88 -0.87
N GLY B 294 12.38 21.75 -0.08
CA GLY B 294 12.13 23.17 -0.14
C GLY B 294 10.78 23.56 0.42
N PHE B 295 10.59 24.84 0.68
CA PHE B 295 9.27 25.34 1.06
C PHE B 295 9.12 26.82 0.74
N GLU B 296 7.99 27.15 0.13
CA GLU B 296 7.68 28.53 -0.23
C GLU B 296 6.22 28.80 0.09
N ILE B 297 5.88 30.07 0.27
CA ILE B 297 4.50 30.46 0.48
C ILE B 297 4.12 31.53 -0.52
N LEU B 298 2.97 31.36 -1.15
CA LEU B 298 2.56 32.22 -2.26
C LEU B 298 1.27 32.96 -1.92
N LEU B 299 1.24 34.25 -2.22
CA LEU B 299 0.01 35.03 -2.13
C LEU B 299 -0.60 35.06 -3.53
N ILE B 300 -1.73 34.37 -3.69
CA ILE B 300 -2.38 34.26 -4.99
C ILE B 300 -3.60 35.17 -5.06
N GLU B 301 -3.54 36.14 -5.97
CA GLU B 301 -4.60 37.14 -6.10
C GLU B 301 -5.93 36.49 -6.47
N ASP B 302 -6.93 36.69 -5.62
CA ASP B 302 -8.27 36.13 -5.83
C ASP B 302 -8.28 34.61 -5.89
N GLY B 303 -7.22 33.98 -5.36
CA GLY B 303 -7.06 32.54 -5.43
C GLY B 303 -8.06 31.73 -4.62
N TRP B 304 -8.79 32.38 -3.71
CA TRP B 304 -9.79 31.69 -2.92
C TRP B 304 -11.11 31.55 -3.69
N ILE B 305 -11.32 32.41 -4.68
CA ILE B 305 -12.62 32.48 -5.35
C ILE B 305 -12.62 32.19 -6.84
N ARG B 306 -11.44 32.25 -7.47
CA ARG B 306 -11.35 31.91 -8.89
C ARG B 306 -10.03 31.24 -9.24
N THR B 307 -9.97 30.67 -10.45
CA THR B 307 -8.81 29.88 -10.87
C THR B 307 -7.62 30.75 -11.28
N SER B 308 -7.31 31.73 -10.43
CA SER B 308 -6.25 32.69 -10.72
C SER B 308 -4.86 32.06 -10.75
N LYS B 309 -4.01 32.58 -11.64
CA LYS B 309 -2.61 32.16 -11.68
C LYS B 309 -1.72 33.33 -11.30
N THR B 310 -2.33 34.39 -10.78
CA THR B 310 -1.60 35.61 -10.46
C THR B 310 -0.96 35.55 -9.08
N ILE B 311 0.35 35.38 -9.04
CA ILE B 311 1.09 35.35 -7.79
C ILE B 311 1.66 36.72 -7.51
N VAL B 312 1.15 37.39 -6.48
CA VAL B 312 1.55 38.77 -6.20
C VAL B 312 2.70 38.86 -5.19
N LYS B 313 2.85 37.81 -4.38
CA LYS B 313 3.97 37.72 -3.45
C LYS B 313 4.43 36.27 -3.35
N LYS B 314 5.72 36.07 -3.16
CA LYS B 314 6.26 34.74 -2.89
C LYS B 314 7.45 34.84 -1.95
N VAL B 315 7.44 34.01 -0.92
CA VAL B 315 8.56 33.97 0.00
C VAL B 315 9.05 32.54 0.19
N GLU B 316 10.35 32.34 0.06
CA GLU B 316 10.94 31.02 0.27
C GLU B 316 11.57 30.99 1.65
N VAL B 317 11.25 29.95 2.43
CA VAL B 317 11.79 29.80 3.77
C VAL B 317 12.68 28.57 3.90
N LEU B 318 12.77 27.79 2.83
CA LEU B 318 13.67 26.64 2.78
C LEU B 318 13.98 26.36 1.31
N ASN B 319 15.27 26.34 0.96
CA ASN B 319 15.60 26.14 -0.45
C ASN B 319 15.44 24.68 -0.87
N ASN B 320 15.44 24.46 -2.18
CA ASN B 320 15.13 23.14 -2.73
C ASN B 320 16.26 22.12 -2.55
N LYS B 321 17.35 22.56 -1.93
CA LYS B 321 18.46 21.66 -1.63
C LYS B 321 18.24 20.97 -0.29
N ASN B 322 17.16 21.32 0.40
CA ASN B 322 16.92 20.82 1.74
C ASN B 322 15.55 20.16 1.92
N TRP B 323 15.50 19.17 2.81
CA TRP B 323 14.29 18.38 3.00
C TRP B 323 13.22 19.12 3.79
N SER B 324 12.00 19.08 3.28
CA SER B 324 10.85 19.61 4.01
C SER B 324 9.95 18.47 4.49
N GLY B 325 8.64 18.62 4.34
CA GLY B 325 7.70 17.68 4.93
C GLY B 325 6.35 18.32 5.13
N TYR B 326 5.63 17.88 6.17
CA TYR B 326 4.32 18.44 6.49
C TYR B 326 4.42 19.93 6.85
N SER B 327 3.31 20.64 6.66
CA SER B 327 3.17 21.99 7.19
C SER B 327 1.73 22.17 7.64
N GLY B 328 1.51 23.05 8.61
CA GLY B 328 0.17 23.23 9.15
C GLY B 328 -0.09 24.62 9.67
N ALA B 329 -1.37 24.93 9.84
CA ALA B 329 -1.80 26.26 10.25
C ALA B 329 -2.18 26.34 11.72
N PHE B 330 -1.95 27.50 12.32
CA PHE B 330 -2.52 27.84 13.62
C PHE B 330 -2.66 29.35 13.70
N THR B 331 -3.30 29.84 14.76
CA THR B 331 -3.46 31.27 14.96
C THR B 331 -3.05 31.66 16.37
N ILE B 332 -2.66 32.92 16.53
CA ILE B 332 -2.39 33.48 17.84
C ILE B 332 -3.59 34.32 18.26
N PRO B 333 -4.15 34.04 19.45
CA PRO B 333 -5.34 34.72 19.95
C PRO B 333 -5.07 36.16 20.39
N ILE B 334 -6.15 36.93 20.50
CA ILE B 334 -6.07 38.34 20.86
C ILE B 334 -5.44 38.56 22.24
N THR B 335 -5.57 37.58 23.12
CA THR B 335 -5.08 37.71 24.49
C THR B 335 -3.55 37.85 24.54
N MET B 336 -2.89 37.48 23.44
CA MET B 336 -1.44 37.51 23.40
C MET B 336 -0.90 38.64 22.53
N THR B 337 -1.76 39.24 21.72
CA THR B 337 -1.32 40.26 20.76
C THR B 337 -1.98 41.61 21.01
N SER B 338 -3.11 41.59 21.72
CA SER B 338 -3.90 42.80 21.94
C SER B 338 -4.39 43.40 20.62
N LYS B 339 -4.41 42.58 19.57
CA LYS B 339 -4.90 43.03 18.28
C LYS B 339 -6.40 42.79 18.16
N GLN B 340 -6.97 43.18 17.03
CA GLN B 340 -8.40 43.01 16.81
C GLN B 340 -8.65 41.90 15.81
N CYS B 341 -7.57 41.23 15.38
CA CYS B 341 -7.67 40.14 14.44
C CYS B 341 -6.75 38.99 14.84
N LEU B 342 -7.03 37.80 14.32
CA LEU B 342 -6.25 36.61 14.65
C LEU B 342 -5.05 36.49 13.74
N VAL B 343 -3.87 36.32 14.32
CA VAL B 343 -2.64 36.27 13.54
C VAL B 343 -2.42 34.87 12.94
N PRO B 344 -2.31 34.80 11.61
CA PRO B 344 -2.08 33.50 10.97
C PRO B 344 -0.61 33.08 11.07
N CYS B 345 -0.38 31.84 11.49
CA CYS B 345 0.97 31.30 11.59
C CYS B 345 1.03 29.92 10.97
N PHE B 346 2.21 29.48 10.58
CA PHE B 346 2.37 28.09 10.13
C PHE B 346 3.64 27.47 10.69
N TRP B 347 3.63 26.15 10.78
CA TRP B 347 4.83 25.40 11.12
C TRP B 347 5.25 24.59 9.90
N LEU B 348 6.56 24.36 9.80
CA LEU B 348 7.12 23.56 8.73
C LEU B 348 7.91 22.41 9.34
N GLU B 349 7.60 21.20 8.88
CA GLU B 349 8.34 20.01 9.29
C GLU B 349 9.45 19.70 8.29
N MET B 350 10.63 19.41 8.80
CA MET B 350 11.77 19.06 7.95
C MET B 350 12.23 17.64 8.29
N ILE B 351 11.90 16.70 7.39
CA ILE B 351 12.12 15.28 7.65
C ILE B 351 13.53 14.85 7.30
N ARG B 352 14.17 14.12 8.21
CA ARG B 352 15.51 13.57 7.98
C ARG B 352 15.49 12.04 8.12
N GLY B 353 16.39 11.38 7.41
CA GLY B 353 16.46 9.94 7.42
C GLY B 353 15.64 9.32 6.31
N LYS B 354 15.04 8.16 6.58
CA LYS B 354 14.23 7.49 5.57
C LYS B 354 12.96 8.29 5.28
N PRO B 355 12.44 8.21 4.04
CA PRO B 355 12.92 7.36 2.95
C PRO B 355 13.99 8.00 2.07
N GLU B 356 14.16 9.31 2.14
CA GLU B 356 15.05 10.02 1.22
C GLU B 356 16.53 9.79 1.52
N GLU B 357 16.86 9.52 2.78
CA GLU B 357 18.23 9.30 3.17
C GLU B 357 18.41 7.87 3.67
N ARG B 358 18.68 6.97 2.72
CA ARG B 358 18.63 5.53 2.98
C ARG B 358 19.78 4.99 3.82
N THR B 359 20.84 5.78 4.00
CA THR B 359 21.97 5.34 4.81
C THR B 359 21.68 5.49 6.30
N SER B 360 20.51 6.02 6.64
CA SER B 360 20.07 6.06 8.03
C SER B 360 18.95 5.05 8.28
N ILE B 361 18.91 4.51 9.50
CA ILE B 361 17.94 3.49 9.85
C ILE B 361 16.65 4.06 10.42
N TRP B 362 16.64 5.38 10.65
CA TRP B 362 15.58 6.05 11.37
C TRP B 362 14.96 7.17 10.55
N THR B 363 13.86 7.72 11.05
CA THR B 363 13.23 8.90 10.47
C THR B 363 12.82 9.83 11.60
N SER B 364 13.19 11.10 11.50
CA SER B 364 12.65 12.09 12.42
C SER B 364 12.46 13.39 11.68
N SER B 365 12.03 14.42 12.40
CA SER B 365 11.91 15.73 11.80
C SER B 365 12.17 16.80 12.83
N SER B 366 12.52 17.99 12.36
CA SER B 366 12.57 19.17 13.22
C SER B 366 11.67 20.22 12.58
N SER B 367 11.54 21.37 13.23
CA SER B 367 10.60 22.36 12.74
C SER B 367 11.14 23.78 12.69
N THR B 368 10.53 24.57 11.82
CA THR B 368 10.60 26.01 11.87
C THR B 368 9.17 26.53 11.90
N VAL B 369 8.97 27.68 12.54
CA VAL B 369 7.64 28.22 12.73
C VAL B 369 7.65 29.69 12.35
N PHE B 370 6.60 30.13 11.66
CA PHE B 370 6.53 31.49 11.11
C PHE B 370 5.16 32.10 11.38
N CYS B 371 5.14 33.40 11.62
CA CYS B 371 3.88 34.11 11.82
C CYS B 371 3.74 35.30 10.89
N GLY B 372 2.51 35.56 10.45
CA GLY B 372 2.24 36.64 9.54
C GLY B 372 2.37 38.00 10.18
N VAL B 373 2.90 38.96 9.43
CA VAL B 373 3.02 40.33 9.90
C VAL B 373 2.51 41.29 8.83
N SER B 374 2.34 42.54 9.20
N SER B 374 2.32 42.54 9.20
CA SER B 374 1.69 43.53 8.33
CA SER B 374 1.68 43.52 8.32
C SER B 374 2.56 44.02 7.18
C SER B 374 2.55 43.90 7.11
N SER B 375 3.86 43.75 7.26
CA SER B 375 4.78 44.16 6.20
C SER B 375 5.45 42.98 5.51
N GLU B 376 6.10 43.25 4.39
CA GLU B 376 6.85 42.21 3.69
C GLU B 376 8.09 41.84 4.50
N VAL B 377 8.45 40.57 4.46
CA VAL B 377 9.59 40.06 5.20
C VAL B 377 10.44 39.23 4.26
N PRO B 378 11.76 39.43 4.27
CA PRO B 378 12.65 38.64 3.42
C PRO B 378 12.58 37.16 3.76
N GLY B 379 12.83 36.30 2.78
CA GLY B 379 12.97 34.89 3.04
C GLY B 379 14.42 34.53 3.32
N TRP B 380 14.65 33.25 3.58
CA TRP B 380 15.99 32.71 3.72
C TRP B 380 15.83 31.20 3.63
N SER B 381 16.81 30.45 4.11
CA SER B 381 16.67 29.00 4.14
C SER B 381 17.09 28.49 5.50
N TRP B 382 16.11 28.18 6.33
CA TRP B 382 16.38 27.67 7.67
C TRP B 382 16.21 26.16 7.67
N ASP B 383 17.26 25.45 7.29
CA ASP B 383 17.20 24.00 7.15
C ASP B 383 17.39 23.28 8.48
N ASP B 384 17.04 21.99 8.50
CA ASP B 384 17.16 21.19 9.71
C ASP B 384 18.56 21.29 10.31
N GLY B 385 19.57 20.99 9.49
CA GLY B 385 20.95 21.21 9.88
C GLY B 385 21.71 20.04 10.48
N ALA B 386 21.03 18.90 10.66
CA ALA B 386 21.73 17.74 11.20
C ALA B 386 22.67 17.13 10.15
N ILE B 387 23.79 16.60 10.64
CA ILE B 387 24.78 15.98 9.77
C ILE B 387 24.62 14.46 9.83
N LEU B 388 24.06 13.90 8.77
CA LEU B 388 23.83 12.45 8.70
C LEU B 388 24.92 11.79 7.86
N PRO B 389 25.13 10.48 8.06
CA PRO B 389 24.43 9.61 9.01
C PRO B 389 24.82 9.87 10.46
N PHE B 390 24.04 9.33 11.39
CA PHE B 390 24.32 9.43 12.83
C PHE B 390 25.10 8.20 13.32
N ASP B 391 25.58 8.27 14.57
CA ASP B 391 26.32 7.16 15.17
C ASP B 391 25.59 5.83 15.03
N ILE B 392 24.29 5.83 15.29
CA ILE B 392 23.50 4.60 15.32
C ILE B 392 23.43 3.95 13.93
N ASP B 393 23.69 4.75 12.90
CA ASP B 393 23.61 4.28 11.52
C ASP B 393 24.85 3.50 11.10
N LYS B 394 25.86 3.50 11.97
CA LYS B 394 27.09 2.76 11.70
C LYS B 394 27.16 1.46 12.50
#